data_1KJQ
#
_entry.id   1KJQ
#
_cell.length_a   62.350
_cell.length_b   179.340
_cell.length_c   75.620
_cell.angle_alpha   90.00
_cell.angle_beta   90.00
_cell.angle_gamma   90.00
#
_symmetry.space_group_name_H-M   'P 21 21 2'
#
loop_
_entity.id
_entity.type
_entity.pdbx_description
1 polymer 'phosphoribosylglycinamide formyltransferase 2'
2 non-polymer 'MAGNESIUM ION'
3 non-polymer 'SODIUM ION'
4 non-polymer 'CHLORIDE ION'
5 non-polymer "ADENOSINE-5'-DIPHOSPHATE"
6 non-polymer '3[N-MORPHOLINO]PROPANE SULFONIC ACID'
7 non-polymer 1,2-ETHANEDIOL
8 water water
#
_entity_poly.entity_id   1
_entity_poly.type   'polypeptide(L)'
_entity_poly.pdbx_seq_one_letter_code
;TLLGTALRPAATRVMLLGSGELGKEVAIECQRLGVEVIAVDRYADAPAMHVAHRSHVINMLDGDALRRVVELEKPHYIVP
EIEAIATDMLIQLEEEGLNVVPCARATKLTMNREGIRRLAAEELQLPTSTYRFADSESLFREAVADIGYPCIVKPVMSSS
GKGQTFIRSAEQLAQAWKYAQQGGRAGAGRVIVEGVVKFDFEITLLTVSAVDGVHFCAPVGHRQEDGDYRESWQPQQMSP
LALERAQEIARKVVLALGGYGLFGVELFVCGDEVIFSEVSPRPHDTGMVTLISQDLSEFALHVRAFLGLPVGGIRQYGPA
ASAVILPQLTSQNVTFDNVQNAVGADLQIRLFGKPEIDGSRRLGVALATAESVVDAIERAKHAAGQVKVQG
;
_entity_poly.pdbx_strand_id   A,B
#
loop_
_chem_comp.id
_chem_comp.type
_chem_comp.name
_chem_comp.formula
ADP non-polymer ADENOSINE-5'-DIPHOSPHATE 'C10 H15 N5 O10 P2'
CL non-polymer 'CHLORIDE ION' 'Cl -1'
EDO non-polymer 1,2-ETHANEDIOL 'C2 H6 O2'
MG non-polymer 'MAGNESIUM ION' 'Mg 2'
MPO non-polymer '3[N-MORPHOLINO]PROPANE SULFONIC ACID' 'C7 H15 N O4 S'
NA non-polymer 'SODIUM ION' 'Na 1'
#
# COMPACT_ATOMS: atom_id res chain seq x y z
N THR A 1 22.15 6.85 -3.28
CA THR A 1 21.36 5.62 -3.39
C THR A 1 20.89 5.36 -4.82
N LEU A 2 21.19 4.15 -5.28
CA LEU A 2 20.87 3.66 -6.59
C LEU A 2 19.94 2.45 -6.49
N LEU A 3 18.82 2.50 -7.20
CA LEU A 3 17.89 1.38 -7.21
C LEU A 3 17.76 0.85 -8.64
N GLY A 4 17.75 -0.46 -8.82
CA GLY A 4 17.54 -1.01 -10.15
C GLY A 4 16.00 -1.14 -10.37
N THR A 5 15.62 -1.89 -11.39
CA THR A 5 14.25 -2.19 -11.71
C THR A 5 14.04 -3.68 -11.47
N ALA A 6 13.04 -4.03 -10.64
CA ALA A 6 12.77 -5.43 -10.35
C ALA A 6 12.68 -6.30 -11.62
N LEU A 7 13.27 -7.48 -11.56
CA LEU A 7 13.28 -8.48 -12.61
C LEU A 7 14.26 -8.20 -13.74
N ARG A 8 14.90 -7.02 -13.71
CA ARG A 8 15.89 -6.70 -14.73
C ARG A 8 17.29 -7.03 -14.16
N PRO A 9 18.32 -7.03 -15.00
CA PRO A 9 19.63 -7.41 -14.50
C PRO A 9 20.19 -6.62 -13.34
N ALA A 10 19.99 -5.32 -13.31
CA ALA A 10 20.50 -4.48 -12.25
C ALA A 10 19.49 -4.31 -11.12
N ALA A 11 18.51 -5.21 -11.02
CA ALA A 11 17.54 -5.09 -9.94
C ALA A 11 18.17 -5.04 -8.55
N THR A 12 17.51 -4.33 -7.63
CA THR A 12 17.92 -4.30 -6.22
C THR A 12 17.04 -5.39 -5.61
N ARG A 13 17.64 -6.40 -4.98
CA ARG A 13 16.88 -7.55 -4.43
C ARG A 13 16.88 -7.63 -2.92
N VAL A 14 15.65 -7.80 -2.40
CA VAL A 14 15.44 -7.93 -0.97
C VAL A 14 14.87 -9.32 -0.69
N MET A 15 15.47 -9.99 0.31
CA MET A 15 14.96 -11.30 0.71
C MET A 15 14.35 -11.16 2.11
N LEU A 16 13.06 -11.51 2.22
CA LEU A 16 12.39 -11.48 3.52
C LEU A 16 12.53 -12.85 4.15
N LEU A 17 13.04 -12.93 5.37
CA LEU A 17 13.14 -14.20 6.09
C LEU A 17 12.02 -14.14 7.14
N GLY A 18 10.88 -14.73 6.78
CA GLY A 18 9.63 -14.67 7.56
C GLY A 18 8.73 -13.79 6.66
N SER A 19 7.56 -14.34 6.31
CA SER A 19 6.61 -13.79 5.38
C SER A 19 5.20 -13.56 5.93
N GLY A 20 5.14 -13.16 7.21
CA GLY A 20 3.89 -12.85 7.87
C GLY A 20 3.36 -11.51 7.39
N GLU A 21 2.30 -11.05 8.06
CA GLU A 21 1.61 -9.82 7.67
C GLU A 21 2.46 -8.57 7.79
N LEU A 22 3.44 -8.56 8.71
CA LEU A 22 4.31 -7.41 8.84
C LEU A 22 5.24 -7.41 7.61
N GLY A 23 5.77 -8.60 7.24
CA GLY A 23 6.60 -8.75 6.06
C GLY A 23 5.79 -8.39 4.79
N LYS A 24 4.47 -8.65 4.78
CA LYS A 24 3.67 -8.35 3.62
C LYS A 24 3.70 -6.85 3.31
N GLU A 25 3.60 -6.00 4.35
CA GLU A 25 3.64 -4.56 4.13
C GLU A 25 5.05 -4.12 3.79
N VAL A 26 6.08 -4.78 4.34
CA VAL A 26 7.44 -4.44 3.91
C VAL A 26 7.56 -4.76 2.42
N ALA A 27 7.03 -5.91 1.97
CA ALA A 27 7.08 -6.28 0.57
C ALA A 27 6.36 -5.25 -0.30
N ILE A 28 5.15 -4.82 0.12
CA ILE A 28 4.41 -3.84 -0.65
C ILE A 28 5.23 -2.55 -0.80
N GLU A 29 5.88 -2.11 0.28
CA GLU A 29 6.66 -0.87 0.25
C GLU A 29 7.90 -1.05 -0.63
N CYS A 30 8.52 -2.24 -0.66
CA CYS A 30 9.61 -2.46 -1.58
C CYS A 30 9.08 -2.43 -3.02
N GLN A 31 7.93 -3.10 -3.26
CA GLN A 31 7.35 -3.15 -4.59
C GLN A 31 7.01 -1.74 -5.10
N ARG A 32 6.58 -0.85 -4.20
CA ARG A 32 6.24 0.49 -4.62
C ARG A 32 7.46 1.26 -5.17
N LEU A 33 8.66 0.78 -4.85
CA LEU A 33 9.93 1.35 -5.31
C LEU A 33 10.57 0.51 -6.40
N GLY A 34 9.83 -0.51 -6.90
CA GLY A 34 10.35 -1.38 -7.95
C GLY A 34 11.49 -2.27 -7.47
N VAL A 35 11.56 -2.50 -6.15
CA VAL A 35 12.58 -3.37 -5.54
C VAL A 35 12.08 -4.80 -5.66
N GLU A 36 12.96 -5.72 -6.06
CA GLU A 36 12.64 -7.11 -6.25
C GLU A 36 12.57 -7.80 -4.86
N VAL A 37 11.46 -8.52 -4.65
CA VAL A 37 11.23 -9.18 -3.38
C VAL A 37 11.14 -10.69 -3.48
N ILE A 38 11.96 -11.37 -2.66
CA ILE A 38 11.95 -12.83 -2.56
C ILE A 38 11.46 -13.09 -1.13
N ALA A 39 10.32 -13.78 -1.00
CA ALA A 39 9.76 -14.02 0.33
C ALA A 39 10.01 -15.46 0.75
N VAL A 40 10.57 -15.62 1.93
CA VAL A 40 10.88 -16.96 2.44
C VAL A 40 10.17 -17.20 3.77
N ASP A 41 9.73 -18.47 3.98
CA ASP A 41 9.13 -18.82 5.27
C ASP A 41 9.18 -20.35 5.39
N ARG A 42 8.58 -20.83 6.47
CA ARG A 42 8.54 -22.25 6.82
C ARG A 42 7.24 -22.89 6.37
N TYR A 43 6.38 -22.12 5.70
CA TYR A 43 5.14 -22.65 5.20
C TYR A 43 4.79 -21.89 3.92
N ALA A 44 4.05 -22.55 3.04
CA ALA A 44 3.68 -21.92 1.77
C ALA A 44 2.47 -20.96 1.86
N ASP A 45 2.45 -20.05 0.85
CA ASP A 45 1.36 -19.09 0.72
C ASP A 45 1.24 -18.15 1.89
N ALA A 46 2.36 -17.92 2.57
CA ALA A 46 2.40 -16.99 3.68
C ALA A 46 2.08 -15.57 3.14
N PRO A 47 1.47 -14.71 3.96
CA PRO A 47 1.06 -13.40 3.49
C PRO A 47 2.02 -12.66 2.58
N ALA A 48 3.30 -12.51 2.97
CA ALA A 48 4.19 -11.72 2.09
C ALA A 48 4.49 -12.38 0.75
N MET A 49 4.35 -13.72 0.69
CA MET A 49 4.58 -14.41 -0.54
C MET A 49 3.56 -14.00 -1.60
N HIS A 50 2.37 -13.59 -1.14
CA HIS A 50 1.32 -13.18 -2.05
C HIS A 50 1.72 -11.99 -2.93
N VAL A 51 2.57 -11.11 -2.37
CA VAL A 51 2.99 -9.91 -3.03
C VAL A 51 4.46 -9.87 -3.40
N ALA A 52 5.11 -11.02 -3.37
CA ALA A 52 6.52 -11.11 -3.70
C ALA A 52 6.76 -11.55 -5.13
N HIS A 53 7.92 -11.24 -5.69
CA HIS A 53 8.24 -11.70 -7.03
C HIS A 53 8.40 -13.24 -7.08
N ARG A 54 9.07 -13.79 -6.06
CA ARG A 54 9.29 -15.24 -5.94
C ARG A 54 9.26 -15.61 -4.48
N SER A 55 8.94 -16.89 -4.19
CA SER A 55 8.91 -17.34 -2.79
C SER A 55 9.61 -18.69 -2.66
N HIS A 56 10.05 -18.93 -1.46
CA HIS A 56 10.70 -20.22 -1.15
C HIS A 56 10.28 -20.65 0.24
N VAL A 57 10.24 -21.96 0.47
CA VAL A 57 9.86 -22.53 1.77
C VAL A 57 11.00 -23.41 2.23
N ILE A 58 11.66 -23.06 3.33
CA ILE A 58 12.82 -23.83 3.80
C ILE A 58 12.87 -23.76 5.31
N ASN A 59 13.90 -24.44 5.87
CA ASN A 59 14.16 -24.41 7.30
C ASN A 59 15.12 -23.24 7.55
N MET A 60 14.55 -22.11 7.96
CA MET A 60 15.30 -20.89 8.23
C MET A 60 16.27 -21.01 9.39
N LEU A 61 16.08 -22.07 10.19
CA LEU A 61 16.97 -22.31 11.32
C LEU A 61 18.16 -23.15 10.88
N ASP A 62 18.17 -23.65 9.65
CA ASP A 62 19.29 -24.43 9.16
C ASP A 62 20.19 -23.47 8.40
N GLY A 63 21.33 -23.20 8.98
CA GLY A 63 22.26 -22.28 8.36
C GLY A 63 22.62 -22.64 6.92
N ASP A 64 22.75 -23.93 6.68
CA ASP A 64 23.10 -24.40 5.34
C ASP A 64 21.99 -24.12 4.33
N ALA A 65 20.77 -24.37 4.74
CA ALA A 65 19.60 -24.13 3.92
C ALA A 65 19.51 -22.61 3.62
N LEU A 66 19.77 -21.81 4.64
CA LEU A 66 19.72 -20.36 4.44
C LEU A 66 20.75 -19.95 3.45
N ARG A 67 21.99 -20.47 3.58
CA ARG A 67 23.03 -20.13 2.62
C ARG A 67 22.65 -20.56 1.22
N ARG A 68 22.02 -21.74 1.09
CA ARG A 68 21.66 -22.16 -0.27
C ARG A 68 20.65 -21.19 -0.94
N VAL A 69 19.64 -20.76 -0.19
CA VAL A 69 18.66 -19.87 -0.78
C VAL A 69 19.27 -18.52 -1.12
N VAL A 70 20.19 -18.06 -0.28
CA VAL A 70 20.85 -16.80 -0.53
C VAL A 70 21.74 -16.91 -1.76
N GLU A 71 22.45 -18.04 -1.86
CA GLU A 71 23.32 -18.26 -3.02
C GLU A 71 22.49 -18.30 -4.30
N LEU A 72 21.30 -18.95 -4.23
CA LEU A 72 20.43 -19.05 -5.38
C LEU A 72 19.84 -17.72 -5.86
N GLU A 73 19.38 -16.89 -4.91
CA GLU A 73 18.70 -15.61 -5.19
C GLU A 73 19.58 -14.37 -5.19
N LYS A 74 20.76 -14.44 -4.60
CA LYS A 74 21.66 -13.28 -4.56
C LYS A 74 21.04 -11.96 -4.15
N PRO A 75 20.35 -11.95 -3.01
CA PRO A 75 19.76 -10.71 -2.55
C PRO A 75 20.87 -9.77 -2.07
N HIS A 76 20.58 -8.50 -2.15
CA HIS A 76 21.44 -7.41 -1.68
C HIS A 76 21.13 -7.24 -0.18
N TYR A 77 19.84 -7.40 0.20
CA TYR A 77 19.42 -7.24 1.59
C TYR A 77 18.73 -8.47 2.08
N ILE A 78 19.04 -8.84 3.32
CA ILE A 78 18.40 -9.94 3.98
C ILE A 78 17.61 -9.26 5.10
N VAL A 79 16.28 -9.43 5.13
CA VAL A 79 15.41 -8.76 6.07
C VAL A 79 14.67 -9.78 6.92
N PRO A 80 15.26 -10.11 8.06
CA PRO A 80 14.60 -11.10 8.95
C PRO A 80 13.41 -10.45 9.58
N GLU A 81 12.33 -11.22 9.61
CA GLU A 81 11.07 -10.78 10.16
C GLU A 81 10.65 -11.55 11.39
N ILE A 82 11.37 -12.61 11.73
CA ILE A 82 11.07 -13.39 12.93
C ILE A 82 12.37 -13.75 13.62
N GLU A 83 12.25 -14.30 14.82
CA GLU A 83 13.41 -14.70 15.58
C GLU A 83 13.97 -16.04 15.19
N ALA A 84 13.14 -16.93 14.65
CA ALA A 84 13.61 -18.29 14.30
C ALA A 84 14.38 -18.40 12.98
N ILE A 85 15.56 -17.83 12.98
CA ILE A 85 16.47 -17.78 11.86
C ILE A 85 17.88 -18.13 12.35
N ALA A 86 18.67 -18.83 11.51
CA ALA A 86 20.04 -19.22 11.85
C ALA A 86 20.88 -17.94 11.91
N THR A 87 20.95 -17.45 13.08
CA THR A 87 21.61 -16.21 13.34
C THR A 87 23.14 -16.25 13.13
N ASP A 88 23.77 -17.42 13.34
CA ASP A 88 25.19 -17.52 13.09
C ASP A 88 25.49 -17.42 11.60
N MET A 89 24.57 -17.93 10.76
CA MET A 89 24.72 -17.83 9.30
C MET A 89 24.46 -16.37 8.89
N LEU A 90 23.55 -15.67 9.61
CA LEU A 90 23.33 -14.25 9.28
C LEU A 90 24.61 -13.50 9.53
N ILE A 91 25.31 -13.83 10.62
CA ILE A 91 26.57 -13.17 10.91
C ILE A 91 27.60 -13.43 9.80
N GLN A 92 27.69 -14.69 9.37
CA GLN A 92 28.64 -15.03 8.28
C GLN A 92 28.33 -14.29 6.98
N LEU A 93 27.04 -14.27 6.61
CA LEU A 93 26.67 -13.62 5.38
C LEU A 93 27.01 -12.15 5.40
N GLU A 94 26.79 -11.54 6.57
CA GLU A 94 27.07 -10.16 6.69
C GLU A 94 28.59 -9.96 6.46
N GLU A 95 29.35 -10.85 7.10
CA GLU A 95 30.79 -10.82 6.98
C GLU A 95 31.21 -10.92 5.52
N GLU A 96 30.44 -11.68 4.75
CA GLU A 96 30.69 -11.86 3.33
C GLU A 96 30.19 -10.70 2.46
N GLY A 97 29.61 -9.66 3.05
CA GLY A 97 29.16 -8.53 2.25
C GLY A 97 27.67 -8.29 2.10
N LEU A 98 26.82 -9.18 2.57
CA LEU A 98 25.37 -9.02 2.47
C LEU A 98 24.92 -8.02 3.55
N ASN A 99 23.89 -7.25 3.25
CA ASN A 99 23.36 -6.31 4.16
C ASN A 99 22.21 -6.99 4.91
N VAL A 100 22.47 -7.31 6.19
CA VAL A 100 21.46 -7.92 7.05
C VAL A 100 20.77 -6.76 7.79
N VAL A 101 19.43 -6.67 7.72
CA VAL A 101 18.68 -5.56 8.31
C VAL A 101 18.18 -5.84 9.70
N PRO A 102 18.50 -4.98 10.68
CA PRO A 102 19.32 -3.77 10.60
C PRO A 102 20.83 -4.11 10.60
N CYS A 103 21.19 -5.20 11.28
CA CYS A 103 22.55 -5.74 11.32
C CYS A 103 22.39 -7.14 11.90
N ALA A 104 23.37 -8.03 11.62
CA ALA A 104 23.25 -9.37 12.13
C ALA A 104 23.34 -9.46 13.65
N ARG A 105 24.17 -8.61 14.23
CA ARG A 105 24.30 -8.63 15.68
C ARG A 105 22.96 -8.28 16.35
N ALA A 106 22.23 -7.34 15.75
CA ALA A 106 20.95 -6.93 16.32
C ALA A 106 20.00 -8.11 16.36
N THR A 107 20.06 -8.92 15.30
CA THR A 107 19.17 -10.04 15.26
C THR A 107 19.51 -11.08 16.34
N LYS A 108 20.82 -11.30 16.52
CA LYS A 108 21.33 -12.26 17.49
C LYS A 108 20.96 -11.85 18.94
N LEU A 109 21.13 -10.57 19.25
CA LEU A 109 20.84 -10.12 20.58
C LEU A 109 19.38 -10.15 20.91
N THR A 110 18.53 -9.85 19.94
CA THR A 110 17.10 -9.82 20.23
C THR A 110 16.35 -11.13 20.11
N MET A 111 16.99 -12.12 19.50
CA MET A 111 16.30 -13.37 19.33
C MET A 111 16.24 -14.21 20.59
N ASN A 112 17.12 -13.85 21.53
CA ASN A 112 17.27 -14.50 22.83
C ASN A 112 16.99 -13.47 23.93
N ARG A 113 15.96 -13.69 24.77
CA ARG A 113 15.65 -12.71 25.82
C ARG A 113 16.82 -12.39 26.69
N GLU A 114 17.74 -13.35 26.90
CA GLU A 114 18.86 -13.01 27.73
C GLU A 114 19.81 -12.04 27.08
N GLY A 115 20.03 -12.18 25.78
CA GLY A 115 20.96 -11.31 25.11
C GLY A 115 20.55 -9.84 25.22
N ILE A 116 19.29 -9.58 24.84
CA ILE A 116 18.81 -8.21 24.89
C ILE A 116 18.61 -7.71 26.31
N ARG A 117 18.12 -8.56 27.22
CA ARG A 117 17.94 -8.05 28.59
C ARG A 117 19.27 -7.66 29.24
N ARG A 118 20.28 -8.53 29.12
CA ARG A 118 21.61 -8.21 29.71
C ARG A 118 22.27 -6.98 29.03
N LEU A 119 22.09 -6.88 27.68
CA LEU A 119 22.60 -5.73 26.97
C LEU A 119 21.97 -4.46 27.55
N ALA A 120 20.65 -4.46 27.61
CA ALA A 120 19.95 -3.28 28.08
C ALA A 120 20.17 -2.92 29.53
N ALA A 121 19.94 -3.90 30.41
CA ALA A 121 20.08 -3.58 31.83
C ALA A 121 21.51 -3.45 32.34
N GLU A 122 22.42 -4.30 31.78
CA GLU A 122 23.78 -4.32 32.24
C GLU A 122 24.72 -3.46 31.45
N GLU A 123 24.85 -3.76 30.17
CA GLU A 123 25.78 -2.94 29.42
C GLU A 123 25.32 -1.50 29.23
N LEU A 124 24.02 -1.30 28.96
CA LEU A 124 23.51 0.04 28.70
C LEU A 124 22.96 0.74 29.92
N GLN A 125 22.77 0.00 31.02
CA GLN A 125 22.26 0.56 32.26
C GLN A 125 20.90 1.24 32.13
N LEU A 126 20.04 0.65 31.30
CA LEU A 126 18.69 1.15 31.08
C LEU A 126 17.83 0.53 32.18
N PRO A 127 16.84 1.24 32.64
CA PRO A 127 15.95 0.69 33.65
C PRO A 127 15.07 -0.42 33.08
N THR A 128 14.98 -1.55 33.79
CA THR A 128 14.14 -2.67 33.38
C THR A 128 13.48 -3.26 34.61
N SER A 129 12.57 -4.21 34.41
CA SER A 129 12.04 -4.94 35.54
C SER A 129 13.22 -5.79 36.15
N THR A 130 13.04 -6.26 37.38
CA THR A 130 14.03 -7.12 37.98
C THR A 130 13.91 -8.41 37.16
N TYR A 131 14.99 -9.19 37.14
CA TYR A 131 14.97 -10.43 36.38
C TYR A 131 16.02 -11.43 36.89
N ARG A 132 15.73 -12.71 36.61
CA ARG A 132 16.64 -13.80 36.90
C ARG A 132 16.41 -14.86 35.84
N PHE A 133 17.49 -15.50 35.36
CA PHE A 133 17.38 -16.54 34.38
C PHE A 133 17.46 -17.87 35.10
N ALA A 134 16.91 -18.91 34.46
CA ALA A 134 16.94 -20.23 35.06
C ALA A 134 16.93 -21.33 33.99
N ASP A 135 17.79 -22.37 34.14
CA ASP A 135 17.78 -23.39 33.12
C ASP A 135 17.34 -24.76 33.64
N SER A 136 16.81 -24.82 34.86
CA SER A 136 16.33 -26.06 35.43
C SER A 136 15.19 -25.73 36.32
N GLU A 137 14.32 -26.67 36.64
CA GLU A 137 13.22 -26.39 37.49
C GLU A 137 13.61 -25.92 38.89
N SER A 138 14.67 -26.51 39.48
CA SER A 138 15.05 -26.07 40.80
C SER A 138 15.60 -24.65 40.77
N LEU A 139 16.37 -24.33 39.72
CA LEU A 139 16.90 -22.97 39.59
C LEU A 139 15.77 -22.00 39.35
N PHE A 140 14.74 -22.46 38.61
CA PHE A 140 13.58 -21.64 38.33
C PHE A 140 12.91 -21.29 39.67
N ARG A 141 12.75 -22.29 40.57
CA ARG A 141 12.15 -22.07 41.90
C ARG A 141 12.96 -21.10 42.75
N GLU A 142 14.31 -21.24 42.67
CA GLU A 142 15.16 -20.32 43.42
C GLU A 142 14.99 -18.89 42.88
N ALA A 143 14.87 -18.79 41.54
CA ALA A 143 14.69 -17.47 40.89
C ALA A 143 13.43 -16.81 41.39
N VAL A 144 12.32 -17.59 41.41
CA VAL A 144 11.04 -17.06 41.88
C VAL A 144 11.13 -16.57 43.30
N ALA A 145 11.78 -17.37 44.14
CA ALA A 145 11.92 -17.00 45.53
C ALA A 145 12.62 -15.64 45.70
N ASP A 146 13.62 -15.38 44.85
CA ASP A 146 14.30 -14.14 44.93
C ASP A 146 13.53 -13.00 44.26
N ILE A 147 12.89 -13.28 43.12
CA ILE A 147 12.16 -12.20 42.44
C ILE A 147 10.91 -11.79 43.22
N GLY A 148 10.25 -12.81 43.78
CA GLY A 148 9.05 -12.62 44.53
C GLY A 148 7.78 -12.65 43.65
N TYR A 149 6.65 -12.59 44.34
CA TYR A 149 5.35 -12.61 43.70
C TYR A 149 4.68 -11.26 43.63
N PRO A 150 3.96 -10.93 42.55
CA PRO A 150 3.85 -11.82 41.40
C PRO A 150 5.06 -11.69 40.49
N CYS A 151 5.24 -12.64 39.58
CA CYS A 151 6.34 -12.54 38.65
C CYS A 151 5.88 -13.16 37.32
N ILE A 152 6.61 -12.93 36.22
CA ILE A 152 6.22 -13.53 34.95
C ILE A 152 7.39 -14.39 34.45
N VAL A 153 7.12 -15.61 33.95
CA VAL A 153 8.20 -16.40 33.44
C VAL A 153 7.99 -16.49 31.94
N LYS A 154 9.07 -16.49 31.16
CA LYS A 154 9.00 -16.59 29.71
C LYS A 154 10.21 -17.37 29.20
N PRO A 155 10.07 -18.15 28.13
CA PRO A 155 11.20 -18.85 27.55
C PRO A 155 12.13 -17.80 26.98
N VAL A 156 13.46 -18.01 26.97
CA VAL A 156 14.32 -17.02 26.41
C VAL A 156 14.29 -17.01 24.87
N MET A 157 13.95 -18.17 24.28
CA MET A 157 13.86 -18.35 22.81
C MET A 157 12.56 -19.10 22.65
N SER A 158 11.62 -18.45 22.01
CA SER A 158 10.30 -19.02 21.81
C SER A 158 10.28 -19.98 20.62
N LYS A 162 5.16 -18.36 22.31
CA LYS A 162 4.41 -18.53 23.54
C LYS A 162 5.26 -18.99 24.74
N GLY A 163 4.56 -19.66 25.68
CA GLY A 163 5.10 -20.25 26.93
C GLY A 163 5.24 -19.33 28.16
N GLN A 164 4.51 -18.21 28.18
CA GLN A 164 4.57 -17.22 29.25
C GLN A 164 3.49 -17.39 30.30
N THR A 165 3.81 -17.14 31.56
CA THR A 165 2.84 -17.27 32.63
C THR A 165 3.00 -16.19 33.67
N PHE A 166 1.87 -15.63 34.10
CA PHE A 166 1.83 -14.61 35.12
C PHE A 166 1.65 -15.40 36.37
N ILE A 167 2.68 -15.46 37.19
CA ILE A 167 2.63 -16.26 38.42
C ILE A 167 2.28 -15.48 39.66
N ARG A 168 1.15 -15.86 40.27
CA ARG A 168 0.76 -15.18 41.48
C ARG A 168 1.11 -15.88 42.76
N SER A 169 1.37 -17.19 42.68
CA SER A 169 1.69 -17.93 43.88
C SER A 169 2.38 -19.21 43.50
N ALA A 170 3.00 -19.76 44.55
CA ALA A 170 3.74 -20.99 44.49
C ALA A 170 2.88 -22.07 43.89
N GLU A 171 1.59 -21.95 44.16
CA GLU A 171 0.73 -22.95 43.59
C GLU A 171 0.99 -23.16 42.10
N GLN A 172 1.28 -22.08 41.36
CA GLN A 172 1.51 -22.23 39.91
C GLN A 172 2.87 -22.71 39.39
N LEU A 173 3.85 -22.75 40.28
CA LEU A 173 5.20 -23.15 39.93
C LEU A 173 5.36 -24.32 38.97
N ALA A 174 4.72 -25.43 39.32
CA ALA A 174 4.83 -26.60 38.52
C ALA A 174 4.33 -26.42 37.10
N GLN A 175 3.14 -25.86 36.92
CA GLN A 175 2.63 -25.67 35.56
C GLN A 175 3.40 -24.63 34.74
N ALA A 176 3.78 -23.55 35.41
CA ALA A 176 4.52 -22.47 34.77
C ALA A 176 5.79 -22.97 34.13
N TRP A 177 6.50 -23.85 34.87
CA TRP A 177 7.72 -24.40 34.35
C TRP A 177 7.50 -25.23 33.08
N LYS A 178 6.51 -26.12 33.16
CA LYS A 178 6.10 -27.02 32.07
C LYS A 178 5.84 -26.26 30.75
N TYR A 179 5.02 -25.27 30.86
CA TYR A 179 4.66 -24.45 29.77
C TYR A 179 5.78 -23.67 29.16
N ALA A 180 6.65 -23.17 30.03
CA ALA A 180 7.77 -22.43 29.48
C ALA A 180 8.68 -23.34 28.70
N GLN A 181 8.79 -24.59 29.15
CA GLN A 181 9.65 -25.55 28.48
C GLN A 181 9.06 -25.92 27.12
N GLN A 182 7.77 -26.21 27.13
CA GLN A 182 7.11 -26.56 25.91
C GLN A 182 7.11 -25.43 24.93
N GLY A 183 6.92 -24.19 25.44
CA GLY A 183 6.88 -23.01 24.56
C GLY A 183 8.26 -22.55 24.08
N GLY A 184 9.37 -23.08 24.64
CA GLY A 184 10.69 -22.63 24.22
C GLY A 184 11.28 -23.33 23.00
N ARG A 185 12.29 -22.68 22.46
CA ARG A 185 12.96 -23.18 21.28
C ARG A 185 13.41 -24.58 21.65
N ALA A 186 13.33 -25.50 20.68
CA ALA A 186 13.70 -26.90 20.84
C ALA A 186 12.92 -27.61 21.96
N GLY A 187 11.91 -26.96 22.56
CA GLY A 187 11.13 -27.59 23.63
C GLY A 187 11.90 -27.83 24.95
N ALA A 188 13.02 -27.14 25.13
CA ALA A 188 13.87 -27.23 26.32
C ALA A 188 14.82 -26.04 26.31
N GLY A 189 14.95 -25.36 27.43
CA GLY A 189 15.87 -24.25 27.39
C GLY A 189 15.70 -23.33 28.59
N ARG A 190 16.52 -22.27 28.58
CA ARG A 190 16.51 -21.31 29.64
C ARG A 190 15.23 -20.46 29.64
N VAL A 191 14.83 -20.00 30.83
CA VAL A 191 13.68 -19.12 30.96
C VAL A 191 14.16 -17.84 31.67
N ILE A 192 13.32 -16.80 31.61
CA ILE A 192 13.61 -15.56 32.34
C ILE A 192 12.44 -15.42 33.31
N VAL A 193 12.67 -14.99 34.55
CA VAL A 193 11.67 -14.74 35.54
C VAL A 193 11.79 -13.25 35.83
N GLU A 194 10.70 -12.50 35.56
CA GLU A 194 10.74 -11.06 35.77
C GLU A 194 9.79 -10.58 36.84
N GLY A 195 10.24 -9.56 37.60
CA GLY A 195 9.35 -8.94 38.59
C GLY A 195 8.27 -8.16 37.80
N VAL A 196 7.05 -8.18 38.28
CA VAL A 196 5.96 -7.47 37.57
C VAL A 196 6.00 -5.97 37.76
N VAL A 197 6.07 -5.22 36.64
CA VAL A 197 6.06 -3.75 36.69
C VAL A 197 4.60 -3.33 36.67
N LYS A 198 4.15 -2.61 37.71
CA LYS A 198 2.76 -2.18 37.72
C LYS A 198 2.72 -0.85 37.04
N PHE A 199 2.61 -0.89 35.72
CA PHE A 199 2.63 0.31 34.92
C PHE A 199 1.25 0.89 34.72
N ASP A 200 1.24 2.19 34.38
CA ASP A 200 0.01 2.93 34.11
C ASP A 200 -0.50 2.56 32.72
N PHE A 201 0.41 2.35 31.79
CA PHE A 201 0.11 1.93 30.45
C PHE A 201 1.43 1.49 29.82
N GLU A 202 1.35 0.81 28.69
CA GLU A 202 2.58 0.39 27.98
C GLU A 202 2.52 0.95 26.56
N ILE A 203 3.70 1.19 25.99
CA ILE A 203 3.79 1.73 24.62
C ILE A 203 4.85 1.01 23.82
N THR A 204 4.79 1.31 22.53
CA THR A 204 5.77 0.90 21.54
C THR A 204 6.24 2.19 20.95
N LEU A 205 7.52 2.50 21.09
CA LEU A 205 8.11 3.70 20.53
C LEU A 205 8.82 3.26 19.28
N LEU A 206 8.18 3.50 18.13
CA LEU A 206 8.70 3.10 16.82
C LEU A 206 9.81 4.05 16.50
N THR A 207 11.04 3.53 16.48
CA THR A 207 12.24 4.33 16.33
C THR A 207 13.01 3.94 15.08
N VAL A 208 13.26 4.93 14.23
CA VAL A 208 13.93 4.63 13.01
C VAL A 208 15.32 5.17 13.01
N SER A 209 16.27 4.30 12.73
CA SER A 209 17.67 4.66 12.66
C SER A 209 18.00 4.74 11.16
N ALA A 210 18.41 5.93 10.68
CA ALA A 210 18.67 6.09 9.27
C ALA A 210 19.87 6.91 8.99
N VAL A 211 20.15 7.10 7.71
CA VAL A 211 21.31 7.88 7.32
C VAL A 211 21.26 9.30 7.87
N ASP A 212 20.07 9.86 8.07
CA ASP A 212 19.92 11.21 8.59
C ASP A 212 19.62 11.20 10.10
N GLY A 213 19.99 10.14 10.79
CA GLY A 213 19.77 10.17 12.23
C GLY A 213 18.66 9.27 12.77
N VAL A 214 18.34 9.46 14.05
CA VAL A 214 17.30 8.68 14.67
C VAL A 214 16.03 9.50 14.75
N HIS A 215 14.91 8.94 14.29
CA HIS A 215 13.62 9.60 14.30
C HIS A 215 12.65 8.77 15.13
N PHE A 216 11.69 9.46 15.72
CA PHE A 216 10.70 8.77 16.50
C PHE A 216 9.28 9.02 16.00
N CYS A 217 8.49 7.95 15.89
CA CYS A 217 7.08 8.12 15.60
C CYS A 217 6.44 8.53 16.94
N ALA A 218 5.24 9.10 16.91
CA ALA A 218 4.53 9.43 18.16
C ALA A 218 4.27 8.10 18.87
N PRO A 219 4.33 8.09 20.22
CA PRO A 219 4.17 6.89 20.96
C PRO A 219 2.88 6.14 20.68
N VAL A 220 2.98 4.81 20.56
CA VAL A 220 1.81 4.00 20.27
C VAL A 220 1.46 3.23 21.55
N GLY A 221 0.27 3.47 22.09
CA GLY A 221 -0.11 2.72 23.27
C GLY A 221 -0.70 1.39 22.82
N HIS A 222 -0.65 0.38 23.69
CA HIS A 222 -1.26 -0.88 23.32
C HIS A 222 -1.76 -1.64 24.54
N ARG A 223 -2.72 -2.53 24.28
CA ARG A 223 -3.27 -3.40 25.32
C ARG A 223 -3.01 -4.85 24.90
N GLN A 224 -2.38 -5.62 25.81
CA GLN A 224 -2.08 -7.05 25.56
C GLN A 224 -3.00 -7.93 26.36
N GLU A 225 -3.34 -9.07 25.80
CA GLU A 225 -4.20 -10.04 26.51
C GLU A 225 -3.90 -11.45 26.02
N ASP A 226 -3.58 -12.34 26.98
CA ASP A 226 -3.30 -13.74 26.65
C ASP A 226 -2.31 -13.93 25.52
N GLY A 227 -1.21 -13.16 25.55
CA GLY A 227 -0.15 -13.26 24.55
C GLY A 227 -0.31 -12.48 23.25
N ASP A 228 -1.46 -11.81 23.03
CA ASP A 228 -1.62 -11.05 21.77
C ASP A 228 -1.99 -9.61 22.05
N TYR A 229 -1.44 -8.68 21.26
CA TYR A 229 -1.84 -7.30 21.40
C TYR A 229 -3.29 -7.33 20.86
N ARG A 230 -4.18 -6.55 21.49
CA ARG A 230 -5.59 -6.52 21.12
C ARG A 230 -5.96 -5.20 20.42
N GLU A 231 -5.54 -4.10 21.00
CA GLU A 231 -5.75 -2.79 20.39
C GLU A 231 -4.48 -2.00 20.56
N SER A 232 -4.25 -1.07 19.63
CA SER A 232 -3.15 -0.16 19.70
C SER A 232 -3.68 1.21 19.27
N TRP A 233 -3.01 2.29 19.69
CA TRP A 233 -3.52 3.62 19.37
C TRP A 233 -2.40 4.61 19.37
N GLN A 234 -2.64 5.73 18.69
CA GLN A 234 -1.61 6.72 18.60
C GLN A 234 -2.26 8.08 18.38
N PRO A 235 -1.74 9.13 19.01
CA PRO A 235 -0.66 9.06 19.99
C PRO A 235 -1.16 8.68 21.38
N GLN A 236 -0.32 8.05 22.16
CA GLN A 236 -0.67 7.78 23.54
C GLN A 236 -0.11 9.04 24.26
N GLN A 237 -0.94 9.68 25.06
CA GLN A 237 -0.48 10.85 25.81
C GLN A 237 0.57 10.48 26.86
N MET A 238 1.61 11.31 26.90
CA MET A 238 2.69 11.10 27.84
C MET A 238 3.18 12.43 28.33
N SER A 239 3.64 12.49 29.57
CA SER A 239 4.19 13.75 30.04
C SER A 239 5.46 14.08 29.24
N PRO A 240 5.84 15.34 29.25
CA PRO A 240 7.04 15.73 28.53
C PRO A 240 8.26 14.97 29.04
N LEU A 241 8.35 14.82 30.36
CA LEU A 241 9.47 14.09 30.95
C LEU A 241 9.48 12.61 30.55
N ALA A 242 8.29 12.00 30.58
CA ALA A 242 8.19 10.59 30.18
C ALA A 242 8.58 10.43 28.70
N LEU A 243 8.11 11.32 27.83
CA LEU A 243 8.45 11.21 26.42
C LEU A 243 9.95 11.36 26.19
N GLU A 244 10.55 12.30 26.87
CA GLU A 244 11.96 12.51 26.73
C GLU A 244 12.75 11.30 27.17
N ARG A 245 12.38 10.75 28.30
CA ARG A 245 13.05 9.55 28.82
C ARG A 245 12.87 8.34 27.90
N ALA A 246 11.65 8.22 27.36
CA ALA A 246 11.38 7.12 26.43
C ALA A 246 12.25 7.23 25.18
N GLN A 247 12.36 8.48 24.63
CA GLN A 247 13.16 8.72 23.43
C GLN A 247 14.63 8.44 23.72
N GLU A 248 15.10 8.84 24.90
CA GLU A 248 16.51 8.60 25.28
C GLU A 248 16.80 7.10 25.33
N ILE A 249 15.89 6.34 25.99
CA ILE A 249 16.09 4.90 26.07
C ILE A 249 16.09 4.29 24.68
N ALA A 250 15.09 4.67 23.88
CA ALA A 250 14.98 4.15 22.52
C ALA A 250 16.20 4.44 21.65
N ARG A 251 16.66 5.69 21.69
CA ARG A 251 17.86 6.09 20.96
C ARG A 251 19.06 5.20 21.36
N LYS A 252 19.26 5.07 22.68
CA LYS A 252 20.35 4.28 23.15
C LYS A 252 20.30 2.83 22.70
N VAL A 253 19.12 2.25 22.79
CA VAL A 253 19.03 0.84 22.38
C VAL A 253 19.21 0.64 20.87
N VAL A 254 18.62 1.49 20.08
CA VAL A 254 18.75 1.32 18.67
C VAL A 254 20.19 1.51 18.16
N LEU A 255 20.86 2.51 18.75
CA LEU A 255 22.23 2.73 18.33
C LEU A 255 23.14 1.62 18.82
N ALA A 256 22.83 1.02 19.97
CA ALA A 256 23.66 -0.09 20.48
C ALA A 256 23.47 -1.34 19.62
N LEU A 257 22.23 -1.61 19.18
CA LEU A 257 21.96 -2.77 18.37
C LEU A 257 22.62 -2.57 16.99
N GLY A 258 22.57 -1.32 16.46
CA GLY A 258 23.20 -0.97 15.21
C GLY A 258 22.40 -1.22 13.95
N GLY A 259 22.82 -0.48 12.90
CA GLY A 259 22.24 -0.61 11.57
C GLY A 259 20.97 0.20 11.37
N TYR A 260 20.67 0.40 10.08
CA TYR A 260 19.50 1.18 9.73
C TYR A 260 18.24 0.32 9.63
N GLY A 261 17.14 0.89 10.11
CA GLY A 261 15.85 0.22 10.08
C GLY A 261 14.95 0.80 11.13
N LEU A 262 13.73 0.31 11.15
CA LEU A 262 12.78 0.72 12.17
C LEU A 262 12.77 -0.35 13.26
N PHE A 263 12.77 0.10 14.51
CA PHE A 263 12.76 -0.78 15.67
C PHE A 263 11.53 -0.48 16.52
N GLY A 264 10.93 -1.54 17.06
CA GLY A 264 9.75 -1.35 17.94
C GLY A 264 10.20 -1.46 19.40
N VAL A 265 10.42 -0.29 20.04
CA VAL A 265 10.92 -0.27 21.42
C VAL A 265 9.75 -0.34 22.38
N GLU A 266 9.59 -1.48 23.08
CA GLU A 266 8.49 -1.69 24.02
C GLU A 266 8.90 -1.18 25.40
N LEU A 267 8.05 -0.27 25.92
CA LEU A 267 8.30 0.37 27.18
C LEU A 267 7.09 0.37 28.08
N PHE A 268 7.36 0.42 29.38
CA PHE A 268 6.31 0.50 30.41
C PHE A 268 6.37 1.91 31.01
N VAL A 269 5.22 2.57 31.19
CA VAL A 269 5.24 3.94 31.71
C VAL A 269 4.53 4.03 33.06
N CYS A 270 5.26 4.62 34.02
CA CYS A 270 4.73 4.86 35.38
C CYS A 270 4.84 6.39 35.59
N GLY A 271 3.79 7.13 35.20
CA GLY A 271 3.83 8.57 35.32
C GLY A 271 4.95 9.14 34.44
N ASP A 272 5.97 9.74 35.06
CA ASP A 272 7.09 10.30 34.36
C ASP A 272 8.23 9.31 34.17
N GLU A 273 8.15 8.14 34.83
CA GLU A 273 9.18 7.12 34.76
C GLU A 273 8.92 6.14 33.63
N VAL A 274 9.99 5.73 32.94
CA VAL A 274 9.83 4.81 31.81
C VAL A 274 10.78 3.62 32.01
N ILE A 275 10.27 2.44 31.78
CA ILE A 275 11.03 1.22 31.95
C ILE A 275 11.12 0.50 30.62
N PHE A 276 12.33 0.04 30.27
CA PHE A 276 12.49 -0.69 29.03
C PHE A 276 12.06 -2.15 29.21
N SER A 277 11.31 -2.69 28.25
CA SER A 277 10.89 -4.07 28.27
C SER A 277 11.60 -4.91 27.23
N GLU A 278 11.47 -4.58 25.95
CA GLU A 278 12.14 -5.36 24.88
C GLU A 278 12.10 -4.53 23.61
N VAL A 279 12.73 -5.06 22.53
CA VAL A 279 12.72 -4.31 21.31
C VAL A 279 12.73 -5.21 20.10
N SER A 280 11.82 -4.93 19.15
CA SER A 280 11.84 -5.71 17.91
C SER A 280 12.82 -4.99 16.96
N PRO A 281 13.80 -5.69 16.35
CA PRO A 281 14.73 -5.00 15.44
C PRO A 281 14.11 -4.96 14.03
N ARG A 282 12.83 -4.51 13.96
CA ARG A 282 12.02 -4.50 12.77
C ARG A 282 10.68 -3.98 13.18
N PRO A 283 9.76 -3.78 12.19
CA PRO A 283 8.40 -3.33 12.51
C PRO A 283 7.74 -4.27 13.53
N HIS A 284 6.91 -3.66 14.37
CA HIS A 284 6.21 -4.34 15.45
C HIS A 284 4.72 -4.41 15.19
N ASP A 285 4.05 -5.48 15.64
CA ASP A 285 2.63 -5.61 15.34
C ASP A 285 1.76 -4.45 15.83
N THR A 286 2.05 -3.95 17.01
CA THR A 286 1.26 -2.85 17.55
C THR A 286 1.34 -1.62 16.62
N GLY A 287 2.42 -1.53 15.85
CA GLY A 287 2.64 -0.43 14.93
C GLY A 287 1.75 -0.50 13.70
N MET A 288 0.90 -1.52 13.57
CA MET A 288 -0.03 -1.56 12.42
C MET A 288 -0.97 -0.35 12.43
N VAL A 289 -1.15 0.33 13.55
CA VAL A 289 -1.98 1.53 13.55
C VAL A 289 -1.41 2.55 12.55
N THR A 290 -0.11 2.53 12.32
CA THR A 290 0.54 3.48 11.40
C THR A 290 0.14 3.27 9.94
N LEU A 291 -0.59 2.20 9.66
CA LEU A 291 -1.11 1.95 8.33
C LEU A 291 -2.21 3.00 8.06
N ILE A 292 -2.81 3.61 9.08
CA ILE A 292 -3.80 4.63 8.85
C ILE A 292 -3.35 5.95 9.44
N SER A 293 -2.48 5.90 10.47
CA SER A 293 -2.15 7.10 11.22
C SER A 293 -1.01 8.02 10.78
N GLN A 294 -0.21 7.56 9.82
CA GLN A 294 0.93 8.32 9.38
C GLN A 294 1.01 8.34 7.86
N ASP A 295 1.76 9.34 7.36
CA ASP A 295 1.98 9.40 5.94
C ASP A 295 2.81 8.20 5.54
N LEU A 296 3.82 7.88 6.35
CA LEU A 296 4.72 6.75 6.07
C LEU A 296 4.46 5.73 7.18
N SER A 297 3.97 4.55 6.80
CA SER A 297 3.73 3.55 7.82
C SER A 297 5.06 3.07 8.38
N GLU A 298 5.01 2.31 9.48
CA GLU A 298 6.26 1.78 10.05
C GLU A 298 6.97 0.91 9.01
N PHE A 299 6.19 0.30 8.08
CA PHE A 299 6.79 -0.56 7.04
C PHE A 299 7.50 0.29 5.98
N ALA A 300 6.85 1.40 5.57
CA ALA A 300 7.47 2.28 4.61
C ALA A 300 8.75 2.89 5.23
N LEU A 301 8.72 3.21 6.53
CA LEU A 301 9.89 3.78 7.19
C LEU A 301 11.03 2.78 7.29
N HIS A 302 10.70 1.49 7.55
CA HIS A 302 11.75 0.48 7.66
C HIS A 302 12.50 0.37 6.33
N VAL A 303 11.70 0.32 5.21
CA VAL A 303 12.28 0.22 3.89
C VAL A 303 13.10 1.46 3.54
N ARG A 304 12.54 2.64 3.79
CA ARG A 304 13.26 3.87 3.51
C ARG A 304 14.61 3.85 4.22
N ALA A 305 14.57 3.50 5.52
CA ALA A 305 15.80 3.48 6.29
C ALA A 305 16.77 2.41 5.84
N PHE A 306 16.35 1.18 5.66
CA PHE A 306 17.35 0.15 5.30
C PHE A 306 17.95 0.34 3.93
N LEU A 307 17.23 0.98 3.02
CA LEU A 307 17.76 1.25 1.69
C LEU A 307 18.79 2.41 1.74
N GLY A 308 19.00 3.01 2.90
CA GLY A 308 19.97 4.09 3.05
C GLY A 308 19.44 5.47 2.68
N LEU A 309 18.14 5.61 2.63
CA LEU A 309 17.56 6.89 2.28
C LEU A 309 17.22 7.68 3.56
N PRO A 310 17.20 9.01 3.49
CA PRO A 310 16.87 9.81 4.68
C PRO A 310 15.37 9.76 4.98
N VAL A 311 15.05 9.74 6.30
CA VAL A 311 13.66 9.73 6.68
C VAL A 311 13.07 11.12 6.48
N GLY A 312 13.81 12.13 6.94
CA GLY A 312 13.33 13.49 6.81
C GLY A 312 12.39 13.84 7.93
N GLY A 313 11.23 13.19 7.95
CA GLY A 313 10.26 13.46 9.00
C GLY A 313 9.06 12.54 8.81
N ILE A 314 8.23 12.47 9.84
CA ILE A 314 7.06 11.59 9.83
C ILE A 314 5.84 12.42 10.22
N ARG A 315 4.78 12.32 9.41
CA ARG A 315 3.54 13.05 9.69
C ARG A 315 2.55 12.12 10.38
N GLN A 316 1.93 12.61 11.45
CA GLN A 316 0.94 11.88 12.22
C GLN A 316 -0.40 12.61 11.96
N TYR A 317 -1.41 11.88 11.50
CA TYR A 317 -2.69 12.47 11.10
C TYR A 317 -3.74 12.76 12.13
N GLY A 318 -3.48 12.43 13.39
CA GLY A 318 -4.44 12.66 14.46
C GLY A 318 -4.73 11.33 15.14
N PRO A 319 -5.60 11.35 16.11
CA PRO A 319 -5.95 10.16 16.86
C PRO A 319 -6.39 8.97 16.00
N ALA A 320 -5.77 7.81 16.28
CA ALA A 320 -6.04 6.61 15.50
C ALA A 320 -5.87 5.33 16.34
N ALA A 321 -6.44 4.25 15.84
CA ALA A 321 -6.32 3.01 16.57
C ALA A 321 -6.38 1.84 15.62
N SER A 322 -5.85 0.70 16.10
CA SER A 322 -5.97 -0.56 15.42
C SER A 322 -6.64 -1.55 16.40
N ALA A 323 -7.37 -2.55 15.89
CA ALA A 323 -8.00 -3.55 16.76
C ALA A 323 -7.92 -4.82 15.99
N VAL A 324 -7.42 -5.90 16.61
CA VAL A 324 -7.26 -7.12 15.86
C VAL A 324 -8.51 -7.93 15.60
N ILE A 325 -8.43 -8.70 14.53
CA ILE A 325 -9.46 -9.65 14.16
C ILE A 325 -8.79 -10.97 14.56
N LEU A 326 -9.22 -11.51 15.72
CA LEU A 326 -8.61 -12.69 16.34
C LEU A 326 -9.60 -13.82 16.64
N PRO A 327 -10.00 -14.50 15.58
CA PRO A 327 -10.97 -15.58 15.70
C PRO A 327 -10.34 -16.83 16.27
N GLN A 328 -11.20 -17.79 16.60
CA GLN A 328 -10.73 -19.08 17.12
C GLN A 328 -11.47 -20.15 16.34
N LEU A 329 -10.77 -20.82 15.44
CA LEU A 329 -11.33 -21.86 14.61
C LEU A 329 -10.22 -22.68 13.99
N THR A 330 -10.65 -23.76 13.35
CA THR A 330 -9.74 -24.64 12.67
C THR A 330 -10.25 -24.73 11.29
N SER A 331 -9.50 -24.20 10.32
CA SER A 331 -9.98 -24.24 8.94
C SER A 331 -8.82 -23.92 7.99
N GLN A 332 -8.97 -24.37 6.79
CA GLN A 332 -7.99 -24.08 5.76
C GLN A 332 -8.70 -23.36 4.64
N ASN A 333 -9.85 -22.73 4.93
CA ASN A 333 -10.63 -22.02 3.90
C ASN A 333 -11.49 -20.96 4.54
N VAL A 334 -10.84 -20.03 5.22
CA VAL A 334 -11.52 -19.02 5.96
C VAL A 334 -12.19 -17.95 5.11
N THR A 335 -13.41 -17.56 5.51
CA THR A 335 -14.16 -16.51 4.82
C THR A 335 -14.50 -15.42 5.84
N PHE A 336 -14.74 -14.19 5.30
CA PHE A 336 -15.03 -13.03 6.11
C PHE A 336 -16.30 -12.37 5.57
N ASP A 337 -17.39 -12.42 6.34
CA ASP A 337 -18.64 -11.83 5.86
C ASP A 337 -18.94 -10.58 6.69
N ASN A 338 -19.98 -9.84 6.24
CA ASN A 338 -20.40 -8.63 6.90
C ASN A 338 -19.33 -7.50 6.81
N VAL A 339 -18.45 -7.62 5.81
CA VAL A 339 -17.36 -6.64 5.64
C VAL A 339 -17.93 -5.24 5.38
N GLN A 340 -19.16 -5.17 4.80
CA GLN A 340 -19.76 -3.86 4.55
C GLN A 340 -20.05 -3.14 5.86
N ASN A 341 -20.03 -3.82 7.02
CA ASN A 341 -20.26 -3.19 8.29
C ASN A 341 -18.97 -3.00 9.10
N ALA A 342 -17.83 -3.24 8.43
CA ALA A 342 -16.53 -3.11 9.10
C ALA A 342 -15.64 -2.03 8.48
N VAL A 343 -16.16 -1.31 7.47
CA VAL A 343 -15.40 -0.26 6.82
C VAL A 343 -16.35 0.90 6.61
N GLY A 344 -15.84 2.09 6.36
CA GLY A 344 -16.70 3.23 6.13
C GLY A 344 -15.90 4.48 6.40
N ALA A 345 -16.56 5.56 6.80
CA ALA A 345 -15.85 6.81 7.05
C ALA A 345 -14.83 6.60 8.18
N ASP A 346 -13.59 6.98 7.93
CA ASP A 346 -12.52 6.89 8.91
C ASP A 346 -12.36 5.51 9.47
N LEU A 347 -12.67 4.50 8.66
CA LEU A 347 -12.62 3.13 9.12
C LEU A 347 -12.21 2.22 7.98
N GLN A 348 -11.17 1.36 8.23
CA GLN A 348 -10.72 0.45 7.21
C GLN A 348 -10.39 -0.91 7.87
N ILE A 349 -10.18 -1.90 7.03
CA ILE A 349 -9.70 -3.18 7.55
C ILE A 349 -8.59 -3.68 6.64
N ARG A 350 -7.87 -4.69 7.16
CA ARG A 350 -6.83 -5.39 6.43
C ARG A 350 -7.10 -6.87 6.71
N LEU A 351 -7.05 -7.71 5.69
CA LEU A 351 -7.23 -9.17 5.84
C LEU A 351 -5.92 -9.72 5.27
N PHE A 352 -5.20 -10.50 6.08
CA PHE A 352 -3.88 -10.90 5.71
C PHE A 352 -3.57 -11.95 4.66
N GLY A 353 -4.55 -12.78 4.31
CA GLY A 353 -4.38 -13.85 3.34
C GLY A 353 -3.73 -15.09 3.95
N LYS A 354 -3.76 -15.21 5.30
CA LYS A 354 -3.17 -16.39 5.94
C LYS A 354 -3.93 -17.64 5.48
N PRO A 355 -3.18 -18.67 5.07
CA PRO A 355 -3.79 -19.87 4.54
C PRO A 355 -4.66 -20.74 5.43
N GLU A 356 -4.37 -20.73 6.70
CA GLU A 356 -5.15 -21.56 7.60
C GLU A 356 -5.01 -21.12 9.03
N ILE A 357 -5.85 -21.69 9.87
CA ILE A 357 -5.89 -21.38 11.28
C ILE A 357 -6.24 -22.67 12.02
N ASP A 358 -5.72 -22.81 13.22
CA ASP A 358 -6.03 -23.98 14.03
C ASP A 358 -5.89 -23.57 15.48
N GLY A 359 -6.84 -22.73 15.91
CA GLY A 359 -6.83 -22.20 17.26
C GLY A 359 -7.12 -20.69 17.13
N SER A 360 -6.54 -19.94 18.05
CA SER A 360 -6.71 -18.49 18.06
C SER A 360 -5.57 -17.88 17.26
N ARG A 361 -5.87 -17.03 16.29
CA ARG A 361 -4.79 -16.44 15.48
C ARG A 361 -5.31 -15.16 14.83
N ARG A 362 -4.47 -14.15 14.80
CA ARG A 362 -4.81 -12.86 14.19
C ARG A 362 -4.87 -13.01 12.65
N LEU A 363 -6.08 -12.79 12.07
CA LEU A 363 -6.23 -12.92 10.63
C LEU A 363 -6.36 -11.60 9.89
N GLY A 364 -6.49 -10.53 10.64
CA GLY A 364 -6.64 -9.22 10.03
C GLY A 364 -6.66 -8.18 11.13
N VAL A 365 -6.91 -6.92 10.75
CA VAL A 365 -6.99 -5.86 11.72
C VAL A 365 -7.96 -4.81 11.19
N ALA A 366 -8.58 -4.08 12.10
CA ALA A 366 -9.45 -2.94 11.77
C ALA A 366 -8.63 -1.70 12.18
N LEU A 367 -8.79 -0.60 11.44
CA LEU A 367 -8.06 0.63 11.65
C LEU A 367 -9.10 1.78 11.63
N ALA A 368 -8.97 2.72 12.51
CA ALA A 368 -9.90 3.83 12.54
C ALA A 368 -9.22 5.10 13.04
N THR A 369 -9.77 6.27 12.64
CA THR A 369 -9.30 7.54 13.09
C THR A 369 -10.51 8.23 13.72
N ALA A 370 -10.24 9.19 14.61
CA ALA A 370 -11.32 9.92 15.30
C ALA A 370 -10.75 11.13 15.93
N GLU A 371 -11.56 11.89 16.70
CA GLU A 371 -11.05 13.09 17.35
C GLU A 371 -10.33 12.82 18.67
N SER A 372 -10.44 11.57 19.15
CA SER A 372 -9.74 11.14 20.37
C SER A 372 -9.37 9.65 20.19
N VAL A 373 -8.36 9.19 20.90
CA VAL A 373 -7.94 7.79 20.84
C VAL A 373 -9.07 6.95 21.38
N VAL A 374 -9.76 7.45 22.40
CA VAL A 374 -10.87 6.74 22.99
C VAL A 374 -11.91 6.38 21.93
N ASP A 375 -12.32 7.37 21.17
CA ASP A 375 -13.29 7.10 20.13
C ASP A 375 -12.70 6.23 19.00
N ALA A 376 -11.41 6.43 18.67
CA ALA A 376 -10.81 5.62 17.58
C ALA A 376 -10.78 4.14 17.97
N ILE A 377 -10.39 3.89 19.23
CA ILE A 377 -10.33 2.51 19.72
C ILE A 377 -11.70 1.85 19.65
N GLU A 378 -12.74 2.56 20.08
CA GLU A 378 -14.08 1.97 20.03
C GLU A 378 -14.51 1.70 18.60
N ARG A 379 -14.24 2.61 17.64
CA ARG A 379 -14.63 2.42 16.26
C ARG A 379 -13.93 1.22 15.65
N ALA A 380 -12.60 1.09 15.94
CA ALA A 380 -11.85 -0.04 15.38
C ALA A 380 -12.32 -1.36 16.00
N LYS A 381 -12.52 -1.37 17.33
CA LYS A 381 -12.98 -2.62 18.03
C LYS A 381 -14.34 -3.09 17.50
N HIS A 382 -15.23 -2.11 17.39
CA HIS A 382 -16.56 -2.43 16.88
C HIS A 382 -16.47 -3.04 15.47
N ALA A 383 -15.69 -2.39 14.57
CA ALA A 383 -15.53 -2.87 13.20
C ALA A 383 -14.92 -4.27 13.17
N ALA A 384 -13.87 -4.47 13.96
CA ALA A 384 -13.27 -5.80 13.95
C ALA A 384 -14.30 -6.84 14.36
N GLY A 385 -15.14 -6.51 15.32
CA GLY A 385 -16.16 -7.41 15.82
C GLY A 385 -17.27 -7.65 14.85
N GLN A 386 -17.49 -6.72 13.88
CA GLN A 386 -18.52 -6.91 12.89
C GLN A 386 -18.14 -7.98 11.88
N VAL A 387 -16.84 -8.21 11.65
CA VAL A 387 -16.43 -9.20 10.69
C VAL A 387 -16.85 -10.62 11.13
N LYS A 388 -17.57 -11.32 10.26
CA LYS A 388 -18.08 -12.68 10.55
C LYS A 388 -17.12 -13.64 9.95
N VAL A 389 -16.29 -14.22 10.82
CA VAL A 389 -15.24 -15.17 10.38
C VAL A 389 -15.80 -16.59 10.42
N GLN A 390 -15.74 -17.28 9.31
CA GLN A 390 -16.26 -18.64 9.22
C GLN A 390 -15.26 -19.50 8.47
N GLY A 391 -15.37 -20.81 8.62
CA GLY A 391 -14.41 -21.60 7.89
C GLY A 391 -14.78 -23.03 7.82
N THR B 1 -21.21 -8.11 1.87
CA THR B 1 -19.95 -8.47 1.21
C THR B 1 -19.23 -9.59 1.95
N LEU B 2 -18.96 -10.66 1.19
CA LEU B 2 -18.25 -11.81 1.70
C LEU B 2 -16.92 -11.93 0.92
N LEU B 3 -15.82 -12.01 1.65
CA LEU B 3 -14.54 -12.17 0.99
C LEU B 3 -13.91 -13.48 1.43
N GLY B 4 -13.33 -14.22 0.50
CA GLY B 4 -12.64 -15.45 0.84
C GLY B 4 -11.17 -15.07 1.20
N THR B 5 -10.30 -16.07 1.29
CA THR B 5 -8.87 -15.87 1.57
C THR B 5 -8.15 -16.19 0.28
N ALA B 6 -7.33 -15.26 -0.24
CA ALA B 6 -6.65 -15.54 -1.49
C ALA B 6 -5.92 -16.86 -1.46
N LEU B 7 -5.99 -17.55 -2.58
CA LEU B 7 -5.34 -18.82 -2.81
C LEU B 7 -6.03 -20.00 -2.18
N ARG B 8 -7.11 -19.75 -1.48
CA ARG B 8 -7.91 -20.82 -0.83
C ARG B 8 -9.14 -21.09 -1.71
N PRO B 9 -9.80 -22.25 -1.55
CA PRO B 9 -10.93 -22.56 -2.40
C PRO B 9 -12.01 -21.50 -2.51
N ALA B 10 -12.34 -20.85 -1.40
CA ALA B 10 -13.38 -19.83 -1.42
C ALA B 10 -12.84 -18.41 -1.74
N ALA B 11 -11.63 -18.31 -2.25
CA ALA B 11 -11.07 -16.98 -2.55
C ALA B 11 -11.96 -16.11 -3.42
N THR B 12 -11.84 -14.80 -3.19
CA THR B 12 -12.51 -13.80 -4.01
C THR B 12 -11.44 -13.44 -5.09
N ARG B 13 -11.77 -13.58 -6.39
CA ARG B 13 -10.84 -13.35 -7.43
C ARG B 13 -11.14 -12.12 -8.28
N VAL B 14 -10.09 -11.29 -8.45
CA VAL B 14 -10.16 -10.06 -9.24
C VAL B 14 -9.19 -10.21 -10.40
N MET B 15 -9.68 -9.99 -11.61
CA MET B 15 -8.83 -10.05 -12.77
C MET B 15 -8.68 -8.61 -13.28
N LEU B 16 -7.43 -8.17 -13.38
CA LEU B 16 -7.08 -6.85 -13.89
C LEU B 16 -6.74 -6.99 -15.37
N LEU B 17 -7.47 -6.25 -16.20
CA LEU B 17 -7.26 -6.22 -17.67
C LEU B 17 -6.50 -4.90 -17.93
N GLY B 18 -5.17 -5.02 -18.02
CA GLY B 18 -4.30 -3.83 -18.11
C GLY B 18 -3.59 -3.83 -16.72
N SER B 19 -2.27 -3.93 -16.77
CA SER B 19 -1.42 -4.05 -15.61
C SER B 19 -0.38 -2.97 -15.44
N GLY B 20 -0.76 -1.72 -15.80
CA GLY B 20 0.13 -0.58 -15.66
C GLY B 20 0.15 -0.13 -14.17
N GLU B 21 0.79 1.02 -13.94
CA GLU B 21 0.97 1.59 -12.61
C GLU B 21 -0.31 1.84 -11.83
N LEU B 22 -1.40 2.13 -12.52
CA LEU B 22 -2.67 2.37 -11.84
C LEU B 22 -3.18 1.01 -11.37
N GLY B 23 -3.15 0.03 -12.27
CA GLY B 23 -3.55 -1.33 -11.90
C GLY B 23 -2.68 -1.85 -10.73
N LYS B 24 -1.40 -1.44 -10.67
CA LYS B 24 -0.50 -1.87 -9.61
C LYS B 24 -1.04 -1.49 -8.25
N GLU B 25 -1.48 -0.26 -8.13
CA GLU B 25 -2.06 0.20 -6.84
C GLU B 25 -3.41 -0.44 -6.55
N VAL B 26 -4.21 -0.71 -7.59
CA VAL B 26 -5.46 -1.43 -7.39
C VAL B 26 -5.12 -2.84 -6.89
N ALA B 27 -4.10 -3.47 -7.46
CA ALA B 27 -3.68 -4.81 -7.01
C ALA B 27 -3.26 -4.78 -5.54
N ILE B 28 -2.47 -3.76 -5.16
CA ILE B 28 -2.03 -3.64 -3.76
C ILE B 28 -3.24 -3.53 -2.82
N GLU B 29 -4.23 -2.74 -3.24
CA GLU B 29 -5.44 -2.55 -2.41
C GLU B 29 -6.26 -3.84 -2.31
N CYS B 30 -6.28 -4.63 -3.36
CA CYS B 30 -6.97 -5.92 -3.31
C CYS B 30 -6.19 -6.86 -2.35
N GLN B 31 -4.84 -6.89 -2.50
CA GLN B 31 -3.98 -7.72 -1.66
C GLN B 31 -4.15 -7.39 -0.17
N ARG B 32 -4.36 -6.13 0.13
CA ARG B 32 -4.52 -5.67 1.50
C ARG B 32 -5.78 -6.25 2.17
N LEU B 33 -6.71 -6.71 1.32
CA LEU B 33 -7.96 -7.34 1.77
C LEU B 33 -7.92 -8.84 1.54
N GLY B 34 -6.77 -9.37 1.14
CA GLY B 34 -6.67 -10.79 0.92
C GLY B 34 -7.42 -11.28 -0.28
N VAL B 35 -7.70 -10.38 -1.21
CA VAL B 35 -8.37 -10.72 -2.44
C VAL B 35 -7.32 -11.28 -3.42
N GLU B 36 -7.65 -12.35 -4.15
CA GLU B 36 -6.72 -12.95 -5.10
C GLU B 36 -6.70 -12.12 -6.38
N VAL B 37 -5.50 -11.79 -6.87
CA VAL B 37 -5.38 -10.95 -8.05
C VAL B 37 -4.67 -11.62 -9.20
N ILE B 38 -5.32 -11.59 -10.35
CA ILE B 38 -4.80 -12.12 -11.60
C ILE B 38 -4.56 -10.91 -12.49
N ALA B 39 -3.30 -10.63 -12.84
CA ALA B 39 -2.98 -9.46 -13.66
C ALA B 39 -2.72 -9.84 -15.12
N VAL B 40 -3.47 -9.22 -16.05
CA VAL B 40 -3.36 -9.51 -17.47
C VAL B 40 -2.91 -8.27 -18.18
N ASP B 41 -2.10 -8.52 -19.19
CA ASP B 41 -1.62 -7.45 -20.06
C ASP B 41 -1.08 -8.11 -21.35
N ARG B 42 -0.63 -7.24 -22.26
CA ARG B 42 -0.09 -7.69 -23.55
C ARG B 42 1.42 -7.89 -23.52
N TYR B 43 2.08 -7.64 -22.41
CA TYR B 43 3.50 -7.83 -22.29
C TYR B 43 3.85 -8.36 -20.91
N ALA B 44 4.99 -9.01 -20.80
CA ALA B 44 5.39 -9.58 -19.53
C ALA B 44 5.96 -8.59 -18.54
N ASP B 45 5.80 -8.93 -17.27
CA ASP B 45 6.34 -8.13 -16.19
C ASP B 45 5.83 -6.73 -16.12
N ALA B 46 4.58 -6.54 -16.54
CA ALA B 46 3.94 -5.23 -16.43
C ALA B 46 3.82 -4.94 -14.93
N PRO B 47 3.86 -3.66 -14.54
CA PRO B 47 3.79 -3.27 -13.12
C PRO B 47 2.86 -4.03 -12.18
N ALA B 48 1.58 -4.18 -12.55
CA ALA B 48 0.65 -4.88 -11.63
C ALA B 48 0.94 -6.35 -11.50
N MET B 49 1.60 -6.93 -12.51
CA MET B 49 1.93 -8.34 -12.39
C MET B 49 2.95 -8.55 -11.27
N HIS B 50 3.74 -7.52 -10.96
CA HIS B 50 4.73 -7.70 -9.91
C HIS B 50 4.12 -8.01 -8.56
N VAL B 51 2.94 -7.43 -8.31
CA VAL B 51 2.25 -7.58 -7.02
C VAL B 51 1.02 -8.47 -7.11
N ALA B 52 0.78 -9.13 -8.22
CA ALA B 52 -0.37 -10.00 -8.35
C ALA B 52 -0.02 -11.44 -7.93
N HIS B 53 -1.04 -12.28 -7.71
CA HIS B 53 -0.75 -13.68 -7.36
C HIS B 53 -0.23 -14.40 -8.60
N ARG B 54 -0.79 -14.06 -9.77
CA ARG B 54 -0.34 -14.64 -11.03
C ARG B 54 -0.70 -13.73 -12.16
N SER B 55 -0.11 -13.97 -13.33
CA SER B 55 -0.32 -13.14 -14.48
C SER B 55 -0.52 -13.92 -15.78
N HIS B 56 -1.01 -13.23 -16.78
CA HIS B 56 -1.21 -13.82 -18.11
C HIS B 56 -0.91 -12.75 -19.12
N VAL B 57 -0.19 -13.13 -20.19
CA VAL B 57 0.13 -12.20 -21.26
C VAL B 57 -0.74 -12.60 -22.44
N ILE B 58 -1.64 -11.76 -22.87
CA ILE B 58 -2.49 -12.13 -24.00
C ILE B 58 -2.80 -10.90 -24.76
N ASN B 59 -3.41 -11.06 -25.93
CA ASN B 59 -3.81 -9.93 -26.72
C ASN B 59 -5.23 -9.60 -26.24
N MET B 60 -5.35 -8.55 -25.47
CA MET B 60 -6.64 -8.18 -24.91
C MET B 60 -7.67 -7.64 -25.91
N LEU B 61 -7.17 -7.42 -27.14
CA LEU B 61 -8.00 -6.95 -28.21
C LEU B 61 -8.66 -8.13 -28.87
N ASP B 62 -8.12 -9.33 -28.63
CA ASP B 62 -8.69 -10.53 -29.18
C ASP B 62 -9.75 -11.08 -28.21
N GLY B 63 -11.04 -10.92 -28.56
CA GLY B 63 -12.16 -11.39 -27.74
C GLY B 63 -12.04 -12.85 -27.38
N ASP B 64 -11.58 -13.63 -28.33
CA ASP B 64 -11.47 -15.02 -28.01
C ASP B 64 -10.47 -15.28 -26.92
N ALA B 65 -9.35 -14.57 -26.99
CA ALA B 65 -8.27 -14.73 -26.00
C ALA B 65 -8.77 -14.27 -24.61
N LEU B 66 -9.49 -13.18 -24.62
CA LEU B 66 -10.08 -12.63 -23.42
C LEU B 66 -11.02 -13.66 -22.79
N ARG B 67 -11.90 -14.24 -23.63
CA ARG B 67 -12.82 -15.24 -23.13
C ARG B 67 -12.07 -16.38 -22.44
N ARG B 68 -11.05 -16.98 -23.10
CA ARG B 68 -10.30 -18.09 -22.53
C ARG B 68 -9.68 -17.77 -21.15
N VAL B 69 -9.08 -16.59 -21.07
CA VAL B 69 -8.45 -16.27 -19.81
C VAL B 69 -9.47 -16.13 -18.73
N VAL B 70 -10.60 -15.51 -19.06
CA VAL B 70 -11.67 -15.33 -18.08
C VAL B 70 -12.25 -16.68 -17.65
N GLU B 71 -12.44 -17.53 -18.66
CA GLU B 71 -12.99 -18.84 -18.37
C GLU B 71 -12.04 -19.65 -17.55
N LEU B 72 -10.76 -19.43 -17.82
CA LEU B 72 -9.75 -20.17 -17.07
C LEU B 72 -9.69 -19.81 -15.59
N GLU B 73 -9.67 -18.49 -15.29
CA GLU B 73 -9.57 -17.99 -13.92
C GLU B 73 -10.88 -17.78 -13.15
N LYS B 74 -12.01 -17.75 -13.85
CA LYS B 74 -13.26 -17.58 -13.17
C LYS B 74 -13.24 -16.45 -12.12
N PRO B 75 -12.98 -15.27 -12.58
CA PRO B 75 -12.93 -14.13 -11.65
C PRO B 75 -14.30 -13.67 -11.24
N HIS B 76 -14.37 -13.13 -10.03
CA HIS B 76 -15.63 -12.58 -9.49
C HIS B 76 -15.78 -11.15 -9.99
N TYR B 77 -14.67 -10.55 -10.41
CA TYR B 77 -14.65 -9.19 -10.89
C TYR B 77 -13.60 -9.05 -11.99
N ILE B 78 -13.99 -8.39 -13.09
CA ILE B 78 -13.10 -8.12 -14.19
C ILE B 78 -12.94 -6.60 -14.13
N VAL B 79 -11.71 -6.12 -13.94
CA VAL B 79 -11.43 -4.71 -13.79
C VAL B 79 -10.57 -4.17 -14.90
N PRO B 80 -11.21 -3.61 -15.90
CA PRO B 80 -10.47 -3.11 -17.04
C PRO B 80 -9.71 -1.84 -16.65
N GLU B 81 -8.45 -1.82 -17.08
CA GLU B 81 -7.66 -0.68 -16.75
C GLU B 81 -7.26 0.19 -17.95
N ILE B 82 -7.53 -0.26 -19.15
CA ILE B 82 -7.16 0.52 -20.33
C ILE B 82 -8.24 0.39 -21.37
N GLU B 83 -8.30 1.37 -22.25
CA GLU B 83 -9.29 1.39 -23.31
C GLU B 83 -9.12 0.25 -24.30
N ALA B 84 -7.89 -0.14 -24.54
CA ALA B 84 -7.60 -1.20 -25.49
C ALA B 84 -7.95 -2.62 -25.15
N ILE B 85 -9.24 -2.85 -25.05
CA ILE B 85 -9.71 -4.17 -24.76
C ILE B 85 -10.89 -4.49 -25.66
N ALA B 86 -11.16 -5.76 -25.82
CA ALA B 86 -12.30 -6.15 -26.64
C ALA B 86 -13.61 -5.91 -25.82
N THR B 87 -14.12 -4.68 -25.78
CA THR B 87 -15.32 -4.42 -25.02
C THR B 87 -16.52 -5.21 -25.50
N ASP B 88 -16.57 -5.54 -26.78
CA ASP B 88 -17.72 -6.30 -27.19
C ASP B 88 -17.77 -7.62 -26.42
N MET B 89 -16.60 -8.15 -26.17
CA MET B 89 -16.54 -9.38 -25.41
C MET B 89 -16.89 -9.13 -23.94
N LEU B 90 -16.52 -7.97 -23.41
CA LEU B 90 -16.86 -7.70 -22.02
C LEU B 90 -18.37 -7.67 -21.85
N ILE B 91 -19.03 -7.05 -22.85
CA ILE B 91 -20.49 -6.97 -22.82
C ILE B 91 -21.06 -8.41 -22.79
N GLN B 92 -20.56 -9.22 -23.71
CA GLN B 92 -21.00 -10.60 -23.81
C GLN B 92 -20.80 -11.34 -22.49
N LEU B 93 -19.57 -11.26 -22.00
CA LEU B 93 -19.28 -11.92 -20.75
C LEU B 93 -20.19 -11.45 -19.63
N GLU B 94 -20.51 -10.13 -19.60
CA GLU B 94 -21.38 -9.57 -18.58
C GLU B 94 -22.77 -10.18 -18.73
N GLU B 95 -23.16 -10.28 -20.01
CA GLU B 95 -24.44 -10.84 -20.33
C GLU B 95 -24.46 -12.25 -19.79
N GLU B 96 -23.30 -12.92 -19.90
CA GLU B 96 -23.15 -14.29 -19.40
C GLU B 96 -23.07 -14.38 -17.89
N GLY B 97 -23.14 -13.24 -17.18
CA GLY B 97 -23.11 -13.33 -15.75
C GLY B 97 -21.82 -12.82 -15.15
N LEU B 98 -20.83 -12.41 -15.93
CA LEU B 98 -19.63 -11.92 -15.26
C LEU B 98 -19.76 -10.47 -14.73
N ASN B 99 -19.04 -10.14 -13.65
CA ASN B 99 -19.11 -8.76 -13.12
C ASN B 99 -17.98 -7.94 -13.68
N VAL B 100 -18.33 -6.96 -14.49
CA VAL B 100 -17.35 -6.06 -15.12
C VAL B 100 -17.41 -4.73 -14.37
N VAL B 101 -16.24 -4.22 -13.94
CA VAL B 101 -16.22 -2.98 -13.18
C VAL B 101 -15.98 -1.74 -14.03
N PRO B 102 -16.81 -0.68 -13.92
CA PRO B 102 -18.01 -0.54 -13.05
C PRO B 102 -19.22 -1.28 -13.67
N CYS B 103 -19.27 -1.31 -15.01
CA CYS B 103 -20.20 -2.02 -15.83
C CYS B 103 -19.67 -2.06 -17.23
N ALA B 104 -20.08 -3.06 -17.99
CA ALA B 104 -19.57 -3.19 -19.36
C ALA B 104 -19.98 -2.02 -20.23
N ARG B 105 -21.20 -1.55 -20.01
CA ARG B 105 -21.69 -0.44 -20.80
C ARG B 105 -20.85 0.80 -20.61
N ALA B 106 -20.48 1.07 -19.35
CA ALA B 106 -19.66 2.24 -19.03
C ALA B 106 -18.34 2.12 -19.79
N THR B 107 -17.76 0.89 -19.80
CA THR B 107 -16.49 0.70 -20.52
C THR B 107 -16.61 0.98 -22.03
N LYS B 108 -17.70 0.48 -22.61
CA LYS B 108 -17.90 0.66 -24.03
C LYS B 108 -18.03 2.13 -24.41
N LEU B 109 -18.94 2.81 -23.72
CA LEU B 109 -19.22 4.23 -23.98
C LEU B 109 -18.04 5.19 -23.82
N THR B 110 -17.26 4.96 -22.74
CA THR B 110 -16.12 5.81 -22.46
C THR B 110 -14.95 5.61 -23.42
N MET B 111 -14.81 4.41 -24.02
CA MET B 111 -13.71 4.14 -24.93
C MET B 111 -13.93 4.75 -26.31
N ASN B 112 -15.14 5.23 -26.56
CA ASN B 112 -15.42 5.82 -27.87
C ASN B 112 -15.85 7.22 -27.65
N ARG B 113 -15.06 8.16 -28.18
CA ARG B 113 -15.36 9.54 -27.97
C ARG B 113 -16.71 9.99 -28.37
N GLU B 114 -17.33 9.31 -29.35
CA GLU B 114 -18.66 9.72 -29.79
C GLU B 114 -19.68 9.24 -28.76
N GLY B 115 -19.52 8.01 -28.37
CA GLY B 115 -20.42 7.42 -27.37
C GLY B 115 -20.59 8.33 -26.16
N ILE B 116 -19.45 8.62 -25.52
CA ILE B 116 -19.49 9.45 -24.34
C ILE B 116 -19.91 10.86 -24.61
N ARG B 117 -19.50 11.40 -25.72
CA ARG B 117 -19.88 12.78 -26.00
C ARG B 117 -21.36 12.92 -26.28
N ARG B 118 -21.92 11.96 -27.06
CA ARG B 118 -23.38 12.02 -27.30
C ARG B 118 -24.14 11.87 -25.96
N LEU B 119 -23.67 10.95 -25.13
CA LEU B 119 -24.30 10.74 -23.83
C LEU B 119 -24.35 12.01 -23.03
N ALA B 120 -23.18 12.63 -22.90
CA ALA B 120 -23.06 13.84 -22.13
C ALA B 120 -23.75 15.08 -22.68
N ALA B 121 -23.52 15.38 -23.95
CA ALA B 121 -24.09 16.57 -24.55
C ALA B 121 -25.54 16.45 -25.00
N GLU B 122 -25.86 15.29 -25.52
CA GLU B 122 -27.21 15.12 -26.01
C GLU B 122 -28.18 14.57 -24.95
N GLU B 123 -27.93 13.34 -24.56
CA GLU B 123 -28.76 12.70 -23.59
C GLU B 123 -28.83 13.43 -22.28
N LEU B 124 -27.69 13.77 -21.69
CA LEU B 124 -27.73 14.45 -20.41
C LEU B 124 -27.75 15.94 -20.46
N GLN B 125 -27.69 16.51 -21.66
CA GLN B 125 -27.74 17.98 -21.73
C GLN B 125 -26.65 18.73 -20.95
N LEU B 126 -25.44 18.18 -20.89
CA LEU B 126 -24.35 18.84 -20.17
C LEU B 126 -23.55 19.77 -21.08
N PRO B 127 -22.94 20.78 -20.52
CA PRO B 127 -22.12 21.69 -21.31
C PRO B 127 -20.81 21.02 -21.73
N THR B 128 -20.41 21.17 -23.00
CA THR B 128 -19.19 20.57 -23.51
C THR B 128 -18.61 21.48 -24.56
N SER B 129 -17.46 21.12 -25.13
CA SER B 129 -16.88 21.91 -26.20
C SER B 129 -17.83 21.68 -27.39
N THR B 130 -17.80 22.56 -28.41
CA THR B 130 -18.64 22.33 -29.56
C THR B 130 -18.05 21.14 -30.27
N TYR B 131 -18.83 20.43 -31.07
CA TYR B 131 -18.18 19.32 -31.73
C TYR B 131 -18.90 18.80 -32.98
N ARG B 132 -18.15 18.00 -33.74
CA ARG B 132 -18.66 17.38 -34.91
C ARG B 132 -17.97 16.06 -35.11
N PHE B 133 -18.66 15.15 -35.78
CA PHE B 133 -18.07 13.86 -36.05
C PHE B 133 -17.80 13.74 -37.57
N ALA B 134 -16.80 12.95 -37.96
CA ALA B 134 -16.52 12.79 -39.36
C ALA B 134 -15.87 11.46 -39.63
N ASP B 135 -16.27 10.87 -40.79
CA ASP B 135 -15.75 9.60 -41.17
C ASP B 135 -15.03 9.61 -42.52
N SER B 136 -14.90 10.80 -43.10
CA SER B 136 -14.20 11.03 -44.37
C SER B 136 -13.32 12.30 -44.26
N GLU B 137 -12.23 12.41 -45.04
CA GLU B 137 -11.43 13.64 -44.93
C GLU B 137 -12.25 14.85 -45.35
N SER B 138 -13.06 14.65 -46.41
CA SER B 138 -13.92 15.70 -46.94
C SER B 138 -14.83 16.19 -45.83
N LEU B 139 -15.38 15.17 -45.17
CA LEU B 139 -16.30 15.44 -44.08
C LEU B 139 -15.59 16.08 -42.92
N PHE B 140 -14.36 15.59 -42.73
CA PHE B 140 -13.46 16.09 -41.70
C PHE B 140 -13.19 17.55 -42.01
N ARG B 141 -12.87 17.87 -43.27
CA ARG B 141 -12.61 19.26 -43.64
C ARG B 141 -13.84 20.16 -43.45
N GLU B 142 -15.03 19.61 -43.73
CA GLU B 142 -16.24 20.42 -43.54
C GLU B 142 -16.43 20.61 -42.02
N ALA B 143 -16.23 19.52 -41.28
CA ALA B 143 -16.39 19.66 -39.84
C ALA B 143 -15.49 20.79 -39.29
N VAL B 144 -14.21 20.77 -39.68
CA VAL B 144 -13.31 21.79 -39.21
C VAL B 144 -13.84 23.17 -39.63
N ALA B 145 -14.37 23.22 -40.83
CA ALA B 145 -14.89 24.49 -41.25
C ALA B 145 -16.05 24.90 -40.36
N ASP B 146 -16.90 23.93 -40.03
CA ASP B 146 -18.03 24.24 -39.16
C ASP B 146 -17.62 24.60 -37.73
N ILE B 147 -16.60 23.94 -37.24
CA ILE B 147 -16.18 24.24 -35.89
C ILE B 147 -15.39 25.54 -35.77
N GLY B 148 -14.51 25.77 -36.78
CA GLY B 148 -13.65 26.93 -36.83
C GLY B 148 -12.28 26.59 -36.24
N TYR B 149 -11.38 27.57 -36.41
CA TYR B 149 -10.00 27.50 -35.95
C TYR B 149 -9.85 28.35 -34.71
N PRO B 150 -9.07 27.87 -33.76
CA PRO B 150 -8.42 26.60 -33.92
C PRO B 150 -9.42 25.55 -33.44
N CYS B 151 -9.11 24.28 -33.66
CA CYS B 151 -9.95 23.17 -33.25
C CYS B 151 -9.05 21.95 -33.02
N ILE B 152 -9.58 20.95 -32.33
CA ILE B 152 -8.79 19.75 -32.09
C ILE B 152 -9.43 18.53 -32.71
N VAL B 153 -8.66 17.68 -33.35
CA VAL B 153 -9.23 16.48 -33.94
C VAL B 153 -8.69 15.28 -33.20
N LYS B 154 -9.60 14.35 -32.93
CA LYS B 154 -9.27 13.13 -32.21
C LYS B 154 -10.04 11.99 -32.85
N PRO B 155 -9.34 10.86 -32.79
CA PRO B 155 -9.81 9.59 -33.27
C PRO B 155 -10.85 9.24 -32.20
N VAL B 156 -11.98 8.65 -32.62
CA VAL B 156 -13.01 8.32 -31.65
C VAL B 156 -12.57 7.11 -30.88
N MET B 157 -11.72 6.29 -31.52
CA MET B 157 -11.18 5.08 -30.91
C MET B 157 -9.74 4.86 -31.26
N SER B 158 -8.91 4.72 -30.24
CA SER B 158 -7.51 4.50 -30.41
C SER B 158 -7.01 3.51 -29.37
N GLY B 163 -3.03 10.31 -31.72
CA GLY B 163 -3.60 10.60 -33.05
C GLY B 163 -4.34 11.93 -33.12
N GLN B 164 -4.18 12.67 -32.07
CA GLN B 164 -4.82 13.97 -31.90
C GLN B 164 -3.96 15.13 -32.41
N THR B 165 -4.59 16.16 -32.97
CA THR B 165 -3.85 17.30 -33.46
C THR B 165 -4.59 18.58 -33.15
N PHE B 166 -3.86 19.57 -32.64
CA PHE B 166 -4.41 20.89 -32.34
C PHE B 166 -4.20 21.63 -33.65
N ILE B 167 -5.28 21.80 -34.40
CA ILE B 167 -5.26 22.43 -35.73
C ILE B 167 -5.43 23.91 -35.68
N ARG B 168 -4.38 24.56 -36.17
CA ARG B 168 -4.34 26.01 -36.20
C ARG B 168 -4.76 26.59 -37.54
N SER B 169 -4.38 25.89 -38.57
CA SER B 169 -4.75 26.41 -39.88
C SER B 169 -4.97 25.32 -40.89
N ALA B 170 -5.57 25.73 -41.99
CA ALA B 170 -5.87 24.76 -42.99
C ALA B 170 -4.65 24.04 -43.54
N GLU B 171 -3.48 24.63 -43.34
CA GLU B 171 -2.28 23.99 -43.87
C GLU B 171 -2.06 22.60 -43.27
N GLN B 172 -2.50 22.43 -42.03
CA GLN B 172 -2.34 21.15 -41.35
C GLN B 172 -3.37 20.05 -41.65
N LEU B 173 -4.49 20.46 -42.27
CA LEU B 173 -5.56 19.54 -42.59
C LEU B 173 -5.15 18.18 -43.08
N ALA B 174 -4.34 18.17 -44.09
CA ALA B 174 -3.90 16.88 -44.64
C ALA B 174 -3.23 15.98 -43.62
N GLN B 175 -2.28 16.59 -42.92
CA GLN B 175 -1.54 15.87 -41.91
C GLN B 175 -2.44 15.53 -40.73
N ALA B 176 -3.33 16.43 -40.34
CA ALA B 176 -4.20 16.14 -39.21
C ALA B 176 -5.00 14.84 -39.38
N TRP B 177 -5.64 14.77 -40.56
CA TRP B 177 -6.46 13.61 -40.90
C TRP B 177 -5.61 12.34 -40.88
N LYS B 178 -4.51 12.45 -41.58
CA LYS B 178 -3.63 11.34 -41.66
C LYS B 178 -3.22 10.81 -40.28
N TYR B 179 -2.79 11.68 -39.36
CA TYR B 179 -2.37 11.27 -38.01
C TYR B 179 -3.54 10.59 -37.27
N ALA B 180 -4.74 11.19 -37.43
CA ALA B 180 -5.96 10.66 -36.81
C ALA B 180 -6.18 9.24 -37.26
N GLN B 181 -5.84 9.08 -38.53
CA GLN B 181 -5.92 7.82 -39.23
C GLN B 181 -5.00 6.76 -38.65
N GLN B 182 -3.75 7.11 -38.34
CA GLN B 182 -2.81 6.16 -37.77
C GLN B 182 -3.09 5.87 -36.30
N GLY B 183 -3.52 6.90 -35.54
CA GLY B 183 -3.83 6.76 -34.13
C GLY B 183 -5.17 6.04 -33.91
N ALA B 186 -8.81 1.90 -34.77
CA ALA B 186 -9.69 1.13 -33.91
C ALA B 186 -11.16 1.49 -34.11
N GLY B 187 -11.44 2.71 -34.58
CA GLY B 187 -12.80 3.15 -34.82
C GLY B 187 -13.09 3.29 -36.30
N ALA B 188 -12.38 2.56 -37.14
CA ALA B 188 -12.61 2.62 -38.57
C ALA B 188 -12.38 4.01 -39.20
N GLY B 189 -11.52 4.77 -38.50
CA GLY B 189 -11.13 6.10 -38.91
C GLY B 189 -12.12 7.22 -38.63
N ARG B 190 -13.04 7.01 -37.74
CA ARG B 190 -13.91 8.14 -37.54
C ARG B 190 -13.29 9.01 -36.47
N VAL B 191 -13.57 10.32 -36.58
CA VAL B 191 -13.03 11.28 -35.65
C VAL B 191 -14.05 12.25 -35.19
N ILE B 192 -13.64 12.95 -34.13
CA ILE B 192 -14.45 14.01 -33.55
C ILE B 192 -13.56 15.21 -33.73
N VAL B 193 -14.23 16.31 -34.02
CA VAL B 193 -13.60 17.60 -34.23
C VAL B 193 -14.23 18.52 -33.22
N GLU B 194 -13.39 19.02 -32.27
CA GLU B 194 -13.86 19.90 -31.16
C GLU B 194 -13.34 21.34 -31.19
N GLY B 195 -14.20 22.26 -30.77
CA GLY B 195 -13.80 23.62 -30.67
C GLY B 195 -12.88 23.69 -29.43
N VAL B 196 -11.99 24.68 -29.36
CA VAL B 196 -11.09 24.78 -28.23
C VAL B 196 -11.73 25.54 -27.11
N VAL B 197 -11.80 24.96 -25.92
CA VAL B 197 -12.39 25.66 -24.78
C VAL B 197 -11.33 26.53 -24.09
N LYS B 198 -11.62 27.76 -23.81
CA LYS B 198 -10.58 28.53 -23.15
C LYS B 198 -10.98 28.53 -21.68
N PHE B 199 -10.19 27.83 -20.91
CA PHE B 199 -10.50 27.75 -19.51
C PHE B 199 -9.33 28.19 -18.66
N ASP B 200 -9.65 28.55 -17.43
CA ASP B 200 -8.61 28.99 -16.49
C ASP B 200 -7.71 27.79 -16.08
N PHE B 201 -8.31 26.63 -15.84
CA PHE B 201 -7.59 25.43 -15.46
C PHE B 201 -8.48 24.23 -15.71
N GLU B 202 -7.88 23.05 -15.69
CA GLU B 202 -8.64 21.83 -15.89
C GLU B 202 -8.51 20.96 -14.65
N ILE B 203 -9.54 20.17 -14.37
CA ILE B 203 -9.50 19.32 -13.21
C ILE B 203 -10.02 17.96 -13.54
N THR B 204 -9.69 17.06 -12.58
CA THR B 204 -10.18 15.72 -12.56
C THR B 204 -11.01 15.67 -11.26
N LEU B 205 -12.32 15.41 -11.36
CA LEU B 205 -13.14 15.29 -10.16
C LEU B 205 -13.32 13.79 -9.98
N LEU B 206 -12.53 13.21 -9.02
CA LEU B 206 -12.55 11.76 -8.75
C LEU B 206 -13.80 11.50 -7.98
N THR B 207 -14.69 10.77 -8.62
CA THR B 207 -16.05 10.52 -8.15
C THR B 207 -16.30 9.07 -7.90
N VAL B 208 -16.58 8.71 -6.64
CA VAL B 208 -16.79 7.31 -6.35
C VAL B 208 -18.29 7.03 -6.20
N SER B 209 -18.73 5.99 -6.93
CA SER B 209 -20.11 5.53 -6.91
C SER B 209 -20.10 4.20 -6.12
N ALA B 210 -20.80 4.15 -4.99
CA ALA B 210 -20.76 2.96 -4.17
C ALA B 210 -22.13 2.66 -3.57
N VAL B 211 -22.18 1.63 -2.72
CA VAL B 211 -23.44 1.28 -2.08
C VAL B 211 -24.06 2.41 -1.32
N ASP B 212 -23.26 3.30 -0.71
CA ASP B 212 -23.75 4.45 0.05
C ASP B 212 -23.84 5.72 -0.79
N GLY B 213 -23.91 5.54 -2.10
CA GLY B 213 -24.08 6.66 -2.99
C GLY B 213 -22.79 7.19 -3.59
N VAL B 214 -22.88 8.42 -4.10
CA VAL B 214 -21.75 9.04 -4.76
C VAL B 214 -21.11 10.07 -3.82
N HIS B 215 -19.77 9.95 -3.71
CA HIS B 215 -18.96 10.87 -2.92
C HIS B 215 -17.85 11.39 -3.84
N PHE B 216 -17.40 12.58 -3.51
CA PHE B 216 -16.37 13.21 -4.31
C PHE B 216 -15.09 13.49 -3.57
N CYS B 217 -13.97 13.35 -4.27
CA CYS B 217 -12.69 13.74 -3.72
C CYS B 217 -12.57 15.25 -4.00
N ALA B 218 -11.76 16.00 -3.26
CA ALA B 218 -11.56 17.40 -3.55
C ALA B 218 -11.00 17.48 -4.98
N PRO B 219 -11.34 18.50 -5.75
CA PRO B 219 -10.87 18.61 -7.13
C PRO B 219 -9.36 18.57 -7.28
N VAL B 220 -8.90 17.83 -8.28
CA VAL B 220 -7.49 17.70 -8.57
C VAL B 220 -7.20 18.51 -9.84
N GLY B 221 -6.32 19.51 -9.74
CA GLY B 221 -5.90 20.28 -10.88
C GLY B 221 -4.77 19.52 -11.55
N HIS B 222 -4.58 19.73 -12.82
CA HIS B 222 -3.49 19.07 -13.50
C HIS B 222 -3.04 19.86 -14.73
N ARG B 223 -1.78 19.65 -15.11
CA ARG B 223 -1.18 20.28 -16.24
C ARG B 223 -0.80 19.20 -17.24
N GLN B 224 -1.25 19.36 -18.48
CA GLN B 224 -0.98 18.44 -19.57
C GLN B 224 0.08 19.03 -20.50
N GLU B 225 0.94 18.20 -21.05
CA GLU B 225 1.95 18.69 -21.98
C GLU B 225 2.30 17.55 -22.89
N ASP B 226 2.12 17.81 -24.18
CA ASP B 226 2.46 16.83 -25.17
C ASP B 226 1.87 15.48 -24.92
N GLY B 227 0.61 15.48 -24.53
CA GLY B 227 -0.04 14.20 -24.34
C GLY B 227 0.11 13.52 -22.98
N ASP B 228 0.82 14.16 -22.08
CA ASP B 228 0.96 13.51 -20.78
C ASP B 228 0.73 14.50 -19.69
N TYR B 229 0.09 14.04 -18.62
CA TYR B 229 -0.06 14.90 -17.47
C TYR B 229 1.37 14.97 -16.87
N ARG B 230 1.72 16.17 -16.38
CA ARG B 230 3.04 16.42 -15.83
C ARG B 230 2.99 16.57 -14.33
N GLU B 231 2.08 17.40 -13.84
CA GLU B 231 1.91 17.56 -12.40
C GLU B 231 0.42 17.56 -12.14
N SER B 232 0.03 17.15 -10.93
CA SER B 232 -1.35 17.22 -10.51
C SER B 232 -1.33 17.73 -9.08
N TRP B 233 -2.46 18.30 -8.61
CA TRP B 233 -2.42 18.88 -7.28
C TRP B 233 -3.80 18.92 -6.68
N GLN B 234 -3.85 19.01 -5.36
CA GLN B 234 -5.16 19.01 -4.70
C GLN B 234 -5.02 19.71 -3.38
N PRO B 235 -6.02 20.47 -2.97
CA PRO B 235 -7.24 20.77 -3.74
C PRO B 235 -7.01 21.97 -4.69
N GLN B 236 -7.57 21.88 -5.89
CA GLN B 236 -7.51 22.99 -6.84
C GLN B 236 -8.53 23.99 -6.31
N GLN B 237 -8.10 25.24 -6.14
CA GLN B 237 -8.99 26.32 -5.68
C GLN B 237 -10.07 26.56 -6.76
N MET B 238 -11.32 26.57 -6.29
CA MET B 238 -12.51 26.78 -7.15
C MET B 238 -13.58 27.52 -6.39
N SER B 239 -14.44 28.26 -7.10
CA SER B 239 -15.47 28.91 -6.31
C SER B 239 -16.46 27.84 -5.85
N PRO B 240 -17.21 28.13 -4.78
CA PRO B 240 -18.20 27.15 -4.32
C PRO B 240 -19.21 26.83 -5.41
N LEU B 241 -19.57 27.82 -6.23
CA LEU B 241 -20.53 27.59 -7.29
C LEU B 241 -19.96 26.69 -8.35
N ALA B 242 -18.69 26.95 -8.68
CA ALA B 242 -18.05 26.12 -9.67
C ALA B 242 -17.99 24.68 -9.14
N LEU B 243 -17.68 24.55 -7.88
CA LEU B 243 -17.58 23.22 -7.31
C LEU B 243 -18.90 22.49 -7.37
N GLU B 244 -19.96 23.22 -7.01
CA GLU B 244 -21.27 22.62 -7.01
C GLU B 244 -21.64 22.14 -8.40
N ARG B 245 -21.33 22.98 -9.39
CA ARG B 245 -21.61 22.67 -10.78
C ARG B 245 -20.85 21.43 -11.26
N ALA B 246 -19.56 21.38 -10.87
CA ALA B 246 -18.72 20.23 -11.25
C ALA B 246 -19.28 18.93 -10.63
N GLN B 247 -19.67 19.00 -9.36
CA GLN B 247 -20.24 17.83 -8.67
C GLN B 247 -21.54 17.40 -9.32
N GLU B 248 -22.37 18.38 -9.74
CA GLU B 248 -23.64 18.01 -10.37
C GLU B 248 -23.39 17.32 -11.70
N ILE B 249 -22.43 17.84 -12.47
CA ILE B 249 -22.08 17.19 -13.73
C ILE B 249 -21.54 15.78 -13.50
N ALA B 250 -20.61 15.70 -12.52
CA ALA B 250 -20.00 14.38 -12.21
C ALA B 250 -21.02 13.32 -11.77
N ARG B 251 -21.92 13.72 -10.87
CA ARG B 251 -22.93 12.78 -10.41
C ARG B 251 -23.80 12.31 -11.59
N LYS B 252 -24.25 13.25 -12.42
CA LYS B 252 -25.08 12.86 -13.55
C LYS B 252 -24.39 11.89 -14.46
N VAL B 253 -23.11 12.20 -14.79
CA VAL B 253 -22.40 11.29 -15.66
C VAL B 253 -22.21 9.87 -15.09
N VAL B 254 -21.74 9.81 -13.84
CA VAL B 254 -21.45 8.54 -13.20
C VAL B 254 -22.69 7.68 -13.02
N LEU B 255 -23.80 8.33 -12.63
CA LEU B 255 -25.03 7.54 -12.47
C LEU B 255 -25.55 7.09 -13.84
N ALA B 256 -25.35 7.89 -14.89
CA ALA B 256 -25.79 7.49 -16.21
C ALA B 256 -24.96 6.35 -16.74
N LEU B 257 -23.63 6.36 -16.47
CA LEU B 257 -22.79 5.28 -16.92
C LEU B 257 -23.14 3.99 -16.15
N GLY B 258 -23.41 4.14 -14.85
CA GLY B 258 -23.79 3.00 -14.01
C GLY B 258 -22.63 2.18 -13.42
N GLY B 259 -22.97 1.44 -12.36
CA GLY B 259 -22.03 0.54 -11.70
C GLY B 259 -21.17 1.19 -10.64
N TYR B 260 -20.70 0.39 -9.70
CA TYR B 260 -19.84 0.90 -8.65
C TYR B 260 -18.36 0.97 -9.07
N GLY B 261 -17.73 2.08 -8.67
CA GLY B 261 -16.33 2.26 -8.95
C GLY B 261 -15.95 3.70 -8.78
N LEU B 262 -14.66 3.96 -8.95
CA LEU B 262 -14.11 5.32 -8.91
C LEU B 262 -13.99 5.81 -10.40
N PHE B 263 -14.59 6.97 -10.69
CA PHE B 263 -14.57 7.51 -12.05
C PHE B 263 -13.76 8.82 -12.06
N GLY B 264 -13.01 9.07 -13.12
CA GLY B 264 -12.23 10.31 -13.17
C GLY B 264 -12.94 11.25 -14.15
N VAL B 265 -13.70 12.20 -13.63
CA VAL B 265 -14.47 13.13 -14.49
C VAL B 265 -13.60 14.34 -14.81
N GLU B 266 -13.25 14.48 -16.11
CA GLU B 266 -12.41 15.57 -16.59
C GLU B 266 -13.26 16.77 -16.94
N LEU B 267 -12.95 17.89 -16.31
CA LEU B 267 -13.70 19.11 -16.53
C LEU B 267 -12.78 20.30 -16.77
N PHE B 268 -13.34 21.28 -17.48
CA PHE B 268 -12.64 22.55 -17.77
C PHE B 268 -13.39 23.60 -16.96
N VAL B 269 -12.64 24.47 -16.33
CA VAL B 269 -13.23 25.51 -15.50
C VAL B 269 -12.89 26.91 -16.03
N CYS B 270 -13.90 27.73 -16.25
CA CYS B 270 -13.73 29.11 -16.73
C CYS B 270 -14.52 29.98 -15.76
N GLY B 271 -13.89 30.55 -14.74
CA GLY B 271 -14.65 31.31 -13.78
C GLY B 271 -15.55 30.39 -12.90
N ASP B 272 -16.86 30.62 -12.97
CA ASP B 272 -17.82 29.84 -12.22
C ASP B 272 -18.46 28.86 -13.15
N GLU B 273 -18.00 28.89 -14.41
CA GLU B 273 -18.51 28.00 -15.44
C GLU B 273 -17.68 26.70 -15.53
N VAL B 274 -18.37 25.54 -15.62
CA VAL B 274 -17.73 24.22 -15.70
C VAL B 274 -18.18 23.50 -16.93
N ILE B 275 -17.21 22.97 -17.71
CA ILE B 275 -17.50 22.29 -18.96
C ILE B 275 -17.06 20.83 -18.92
N PHE B 276 -17.93 19.92 -19.28
CA PHE B 276 -17.52 18.52 -19.29
C PHE B 276 -16.66 18.17 -20.49
N SER B 277 -15.56 17.42 -20.25
CA SER B 277 -14.69 16.97 -21.29
C SER B 277 -14.82 15.49 -21.55
N GLU B 278 -14.53 14.66 -20.55
CA GLU B 278 -14.57 13.22 -20.68
C GLU B 278 -14.53 12.56 -19.32
N VAL B 279 -14.58 11.23 -19.27
CA VAL B 279 -14.56 10.57 -17.98
C VAL B 279 -13.96 9.19 -18.09
N SER B 280 -13.03 8.88 -17.18
CA SER B 280 -12.42 7.54 -17.14
C SER B 280 -13.32 6.68 -16.21
N PRO B 281 -13.74 5.46 -16.59
CA PRO B 281 -14.61 4.66 -15.70
C PRO B 281 -13.71 3.78 -14.84
N ARG B 282 -12.73 4.44 -14.20
CA ARG B 282 -11.70 3.79 -13.36
C ARG B 282 -10.77 4.92 -12.87
N PRO B 283 -9.87 4.58 -11.99
CA PRO B 283 -8.84 5.51 -11.50
C PRO B 283 -8.13 6.17 -12.69
N HIS B 284 -7.79 7.44 -12.46
CA HIS B 284 -7.15 8.29 -13.48
C HIS B 284 -5.73 8.65 -13.09
N ASP B 285 -4.83 8.75 -14.05
CA ASP B 285 -3.42 9.06 -13.67
C ASP B 285 -3.22 10.29 -12.83
N THR B 286 -3.93 11.37 -13.13
CA THR B 286 -3.78 12.58 -12.37
C THR B 286 -4.13 12.35 -10.91
N GLY B 287 -4.98 11.33 -10.65
CA GLY B 287 -5.36 11.01 -9.29
C GLY B 287 -4.24 10.35 -8.46
N MET B 288 -3.07 10.13 -9.05
CA MET B 288 -1.98 9.55 -8.25
C MET B 288 -1.62 10.46 -7.08
N VAL B 289 -1.98 11.75 -7.13
CA VAL B 289 -1.72 12.61 -5.98
C VAL B 289 -2.42 12.06 -4.69
N THR B 290 -3.53 11.33 -4.87
CA THR B 290 -4.28 10.78 -3.75
C THR B 290 -3.51 9.71 -2.96
N LEU B 291 -2.36 9.28 -3.49
CA LEU B 291 -1.51 8.32 -2.79
C LEU B 291 -0.89 9.01 -1.57
N ILE B 292 -0.80 10.36 -1.57
CA ILE B 292 -0.27 11.05 -0.41
C ILE B 292 -1.29 12.05 0.17
N SER B 293 -2.32 12.43 -0.62
CA SER B 293 -3.22 13.48 -0.21
C SER B 293 -4.51 13.13 0.55
N GLN B 294 -4.81 11.83 0.62
CA GLN B 294 -6.07 11.46 1.27
C GLN B 294 -5.90 10.18 2.07
N ASP B 295 -6.86 9.92 2.95
CA ASP B 295 -6.79 8.69 3.70
C ASP B 295 -7.01 7.53 2.77
N LEU B 296 -8.00 7.68 1.89
CA LEU B 296 -8.32 6.67 0.91
C LEU B 296 -7.82 7.11 -0.47
N SER B 297 -6.87 6.39 -1.03
CA SER B 297 -6.37 6.74 -2.37
C SER B 297 -7.48 6.43 -3.39
N GLU B 298 -7.34 6.98 -4.60
CA GLU B 298 -8.34 6.66 -5.60
C GLU B 298 -8.44 5.14 -5.88
N PHE B 299 -7.29 4.45 -5.67
CA PHE B 299 -7.24 3.02 -5.88
C PHE B 299 -7.99 2.28 -4.78
N ALA B 300 -7.75 2.70 -3.55
CA ALA B 300 -8.46 2.06 -2.47
C ALA B 300 -9.97 2.33 -2.63
N LEU B 301 -10.33 3.53 -3.12
CA LEU B 301 -11.76 3.87 -3.32
C LEU B 301 -12.38 2.99 -4.37
N HIS B 302 -11.67 2.73 -5.45
CA HIS B 302 -12.21 1.93 -6.52
C HIS B 302 -12.55 0.52 -5.98
N VAL B 303 -11.59 -0.08 -5.23
CA VAL B 303 -11.78 -1.41 -4.67
C VAL B 303 -12.90 -1.43 -3.66
N ARG B 304 -12.91 -0.45 -2.76
CA ARG B 304 -13.98 -0.33 -1.76
C ARG B 304 -15.32 -0.35 -2.47
N ALA B 305 -15.46 0.50 -3.50
CA ALA B 305 -16.70 0.60 -4.20
C ALA B 305 -17.08 -0.65 -4.93
N PHE B 306 -16.18 -1.20 -5.75
CA PHE B 306 -16.54 -2.38 -6.55
C PHE B 306 -16.85 -3.62 -5.74
N LEU B 307 -16.24 -3.70 -4.54
CA LEU B 307 -16.53 -4.83 -3.65
C LEU B 307 -17.90 -4.71 -2.94
N GLY B 308 -18.64 -3.60 -3.20
CA GLY B 308 -19.94 -3.42 -2.57
C GLY B 308 -19.84 -2.88 -1.15
N LEU B 309 -18.72 -2.24 -0.79
CA LEU B 309 -18.53 -1.69 0.55
C LEU B 309 -18.82 -0.19 0.53
N PRO B 310 -19.27 0.35 1.68
CA PRO B 310 -19.54 1.81 1.74
C PRO B 310 -18.26 2.64 1.88
N VAL B 311 -18.29 3.82 1.29
CA VAL B 311 -17.16 4.74 1.35
C VAL B 311 -17.19 5.58 2.62
N GLY B 312 -18.36 6.23 2.86
CA GLY B 312 -18.60 7.05 4.02
C GLY B 312 -18.05 8.45 3.96
N GLY B 313 -16.75 8.52 3.79
CA GLY B 313 -16.13 9.82 3.69
C GLY B 313 -14.70 9.71 3.18
N ILE B 314 -14.17 10.83 2.72
CA ILE B 314 -12.82 10.92 2.17
C ILE B 314 -12.13 12.10 2.83
N ARG B 315 -11.04 11.85 3.54
CA ARG B 315 -10.31 12.91 4.23
C ARG B 315 -9.15 13.41 3.35
N GLN B 316 -8.99 14.71 3.30
CA GLN B 316 -7.98 15.42 2.48
C GLN B 316 -6.97 16.01 3.43
N TYR B 317 -5.69 15.75 3.17
CA TYR B 317 -4.63 16.15 4.06
C TYR B 317 -3.90 17.41 3.69
N GLY B 318 -4.61 18.37 3.15
CA GLY B 318 -3.99 19.65 2.80
C GLY B 318 -3.34 19.62 1.43
N PRO B 319 -2.73 20.75 1.11
CA PRO B 319 -2.09 20.90 -0.20
C PRO B 319 -1.11 19.78 -0.51
N ALA B 320 -1.32 19.24 -1.69
CA ALA B 320 -0.51 18.11 -2.13
C ALA B 320 -0.36 18.11 -3.64
N ALA B 321 0.67 17.42 -4.12
CA ALA B 321 0.88 17.34 -5.55
C ALA B 321 1.63 16.06 -5.94
N SER B 322 1.50 15.73 -7.24
CA SER B 322 2.24 14.67 -7.83
C SER B 322 3.01 15.30 -9.03
N ALA B 323 4.17 14.72 -9.35
CA ALA B 323 4.99 15.18 -10.50
C ALA B 323 5.60 13.92 -11.08
N VAL B 324 5.38 13.71 -12.38
CA VAL B 324 5.85 12.49 -13.00
C VAL B 324 7.36 12.40 -13.23
N ILE B 325 7.82 11.16 -13.22
CA ILE B 325 9.20 10.87 -13.57
C ILE B 325 9.01 10.30 -14.97
N LEU B 326 9.30 11.10 -16.00
CA LEU B 326 9.04 10.81 -17.42
C LEU B 326 10.26 11.04 -18.28
N PRO B 327 11.20 10.12 -18.16
CA PRO B 327 12.45 10.20 -18.90
C PRO B 327 12.19 9.85 -20.37
N GLN B 328 13.27 9.94 -21.18
CA GLN B 328 13.20 9.63 -22.61
C GLN B 328 14.55 9.04 -23.04
N LEU B 329 14.54 7.73 -23.20
CA LEU B 329 15.71 6.94 -23.58
C LEU B 329 15.26 5.55 -23.98
N THR B 330 16.23 4.71 -24.38
CA THR B 330 15.94 3.34 -24.78
C THR B 330 16.80 2.44 -23.92
N SER B 331 16.15 1.56 -23.17
CA SER B 331 16.86 0.67 -22.27
C SER B 331 15.96 -0.45 -21.79
N GLN B 332 16.58 -1.58 -21.47
CA GLN B 332 15.84 -2.73 -20.88
C GLN B 332 16.43 -2.99 -19.49
N ASN B 333 17.15 -2.01 -18.92
CA ASN B 333 17.74 -2.27 -17.61
C ASN B 333 17.93 -0.95 -16.90
N VAL B 334 16.81 -0.25 -16.71
CA VAL B 334 16.85 1.07 -16.14
C VAL B 334 17.23 1.07 -14.68
N THR B 335 18.05 2.05 -14.27
CA THR B 335 18.41 2.25 -12.89
C THR B 335 18.11 3.68 -12.53
N PHE B 336 17.91 3.93 -11.24
CA PHE B 336 17.53 5.23 -10.70
C PHE B 336 18.51 5.62 -9.63
N ASP B 337 19.27 6.69 -9.89
CA ASP B 337 20.28 7.13 -8.94
C ASP B 337 19.85 8.43 -8.29
N ASN B 338 20.57 8.81 -7.20
CA ASN B 338 20.33 10.02 -6.46
C ASN B 338 18.95 10.04 -5.77
N VAL B 339 18.40 8.85 -5.52
CA VAL B 339 17.10 8.70 -4.90
C VAL B 339 17.05 9.36 -3.52
N GLN B 340 18.19 9.44 -2.81
CA GLN B 340 18.25 10.10 -1.48
C GLN B 340 17.86 11.58 -1.61
N ASN B 341 17.93 12.22 -2.79
CA ASN B 341 17.56 13.62 -2.90
C ASN B 341 16.17 13.80 -3.42
N ALA B 342 15.43 12.68 -3.52
CA ALA B 342 14.05 12.72 -4.01
C ALA B 342 13.05 12.31 -2.94
N VAL B 343 13.51 12.01 -1.72
CA VAL B 343 12.60 11.63 -0.66
C VAL B 343 12.95 12.39 0.61
N GLY B 344 12.01 12.47 1.55
CA GLY B 344 12.29 13.19 2.77
C GLY B 344 11.01 13.47 3.47
N ALA B 345 11.01 14.49 4.28
CA ALA B 345 9.76 14.83 4.97
C ALA B 345 8.70 15.25 3.98
N ASP B 346 7.50 14.73 4.15
CA ASP B 346 6.41 15.12 3.26
C ASP B 346 6.70 14.86 1.78
N LEU B 347 7.53 13.84 1.49
CA LEU B 347 7.88 13.61 0.11
C LEU B 347 8.15 12.15 -0.11
N GLN B 348 7.56 11.56 -1.14
CA GLN B 348 7.75 10.14 -1.44
C GLN B 348 7.92 9.97 -2.92
N ILE B 349 8.41 8.81 -3.33
CA ILE B 349 8.46 8.50 -4.71
C ILE B 349 7.98 7.07 -4.91
N ARG B 350 7.43 6.82 -6.10
CA ARG B 350 7.04 5.50 -6.54
C ARG B 350 7.85 5.23 -7.81
N LEU B 351 8.38 4.01 -7.96
CA LEU B 351 9.11 3.58 -9.17
C LEU B 351 8.33 2.35 -9.58
N PHE B 352 7.79 2.37 -10.79
CA PHE B 352 6.83 1.37 -11.26
C PHE B 352 7.23 -0.05 -11.58
N GLY B 353 8.49 -0.28 -11.85
CA GLY B 353 8.94 -1.61 -12.17
C GLY B 353 8.83 -1.97 -13.66
N LYS B 354 8.56 -0.95 -14.52
CA LYS B 354 8.44 -1.18 -15.96
C LYS B 354 9.71 -1.82 -16.51
N PRO B 355 9.56 -2.91 -17.27
CA PRO B 355 10.72 -3.64 -17.75
C PRO B 355 11.59 -2.93 -18.76
N GLU B 356 11.00 -2.03 -19.52
CA GLU B 356 11.81 -1.34 -20.53
C GLU B 356 11.18 -0.05 -20.98
N ILE B 357 12.00 0.70 -21.71
CA ILE B 357 11.60 1.99 -22.23
C ILE B 357 12.23 2.16 -23.59
N ASP B 358 11.53 2.84 -24.51
CA ASP B 358 12.06 3.08 -25.83
C ASP B 358 11.42 4.35 -26.35
N GLY B 359 11.86 5.47 -25.78
CA GLY B 359 11.29 6.78 -26.08
C GLY B 359 10.83 7.34 -24.73
N SER B 360 9.74 8.11 -24.73
CA SER B 360 9.22 8.72 -23.52
C SER B 360 8.33 7.79 -22.80
N ARG B 361 8.50 7.59 -21.51
CA ARG B 361 7.59 6.67 -20.79
C ARG B 361 7.61 7.06 -19.33
N ARG B 362 6.44 7.01 -18.70
CA ARG B 362 6.33 7.36 -17.29
C ARG B 362 6.86 6.19 -16.47
N LEU B 363 8.01 6.39 -15.79
CA LEU B 363 8.62 5.31 -15.00
C LEU B 363 8.37 5.38 -13.51
N GLY B 364 7.87 6.53 -13.01
CA GLY B 364 7.60 6.67 -11.60
C GLY B 364 6.88 8.00 -11.37
N VAL B 365 6.72 8.35 -10.10
CA VAL B 365 6.08 9.62 -9.77
C VAL B 365 6.59 10.08 -8.41
N ALA B 366 6.66 11.38 -8.22
CA ALA B 366 7.03 12.00 -6.96
C ALA B 366 5.73 12.55 -6.36
N LEU B 367 5.64 12.47 -5.04
CA LEU B 367 4.49 12.87 -4.30
C LEU B 367 4.92 13.79 -3.19
N ALA B 368 4.19 14.91 -2.97
CA ALA B 368 4.60 15.79 -1.89
C ALA B 368 3.43 16.53 -1.32
N THR B 369 3.61 16.94 -0.07
CA THR B 369 2.63 17.76 0.61
C THR B 369 3.38 19.02 1.08
N ALA B 370 2.61 20.11 1.32
CA ALA B 370 3.20 21.37 1.76
C ALA B 370 2.08 22.27 2.30
N GLU B 371 2.48 23.48 2.70
CA GLU B 371 1.53 24.40 3.25
C GLU B 371 0.71 25.16 2.23
N SER B 372 1.12 25.08 0.96
CA SER B 372 0.42 25.70 -0.14
C SER B 372 0.49 24.77 -1.33
N VAL B 373 -0.50 24.90 -2.21
CA VAL B 373 -0.53 24.12 -3.41
C VAL B 373 0.73 24.38 -4.30
N VAL B 374 1.07 25.66 -4.47
CA VAL B 374 2.22 25.96 -5.29
C VAL B 374 3.46 25.32 -4.69
N ASP B 375 3.61 25.36 -3.37
CA ASP B 375 4.79 24.80 -2.69
C ASP B 375 4.85 23.28 -2.85
N ALA B 376 3.69 22.64 -2.76
CA ALA B 376 3.66 21.17 -2.91
C ALA B 376 4.08 20.81 -4.33
N ILE B 377 3.59 21.55 -5.33
CA ILE B 377 3.91 21.31 -6.72
C ILE B 377 5.42 21.42 -6.90
N GLU B 378 5.99 22.47 -6.35
CA GLU B 378 7.43 22.66 -6.50
C GLU B 378 8.21 21.55 -5.81
N ARG B 379 7.79 21.15 -4.62
CA ARG B 379 8.48 20.07 -3.93
C ARG B 379 8.43 18.78 -4.74
N ALA B 380 7.26 18.48 -5.29
CA ALA B 380 7.14 17.26 -6.07
C ALA B 380 7.98 17.36 -7.35
N LYS B 381 7.89 18.50 -8.02
CA LYS B 381 8.66 18.65 -9.24
C LYS B 381 10.17 18.52 -9.00
N HIS B 382 10.63 19.19 -7.95
CA HIS B 382 12.02 19.16 -7.62
C HIS B 382 12.48 17.75 -7.34
N ALA B 383 11.70 17.01 -6.57
CA ALA B 383 12.06 15.63 -6.24
C ALA B 383 12.12 14.77 -7.49
N ALA B 384 11.11 14.87 -8.35
CA ALA B 384 11.14 14.08 -9.57
C ALA B 384 12.38 14.38 -10.38
N GLY B 385 12.76 15.66 -10.40
CA GLY B 385 13.90 16.09 -11.18
C GLY B 385 15.23 15.66 -10.60
N GLN B 386 15.29 15.27 -9.33
CA GLN B 386 16.52 14.82 -8.72
C GLN B 386 16.84 13.39 -9.10
N VAL B 387 15.83 12.63 -9.48
CA VAL B 387 16.09 11.24 -9.82
C VAL B 387 16.88 11.16 -11.13
N LYS B 388 17.99 10.43 -11.12
CA LYS B 388 18.81 10.31 -12.33
C LYS B 388 18.46 9.00 -12.96
N VAL B 389 17.80 9.04 -14.14
CA VAL B 389 17.39 7.82 -14.82
C VAL B 389 18.49 7.35 -15.75
N GLN B 390 19.04 6.21 -15.45
CA GLN B 390 20.13 5.64 -16.24
C GLN B 390 19.66 4.46 -17.08
N GLY B 391 20.34 4.25 -18.20
CA GLY B 391 19.98 3.19 -19.13
C GLY B 391 20.91 2.00 -19.23
MG MG C . 6.57 -7.67 23.43
NA NA D . 22.63 -3.94 7.86
CL CL E . 20.15 -13.84 36.19
CL CL F . 12.97 -27.94 4.43
PB ADP G . 6.48 -10.76 23.75
O1B ADP G . 5.35 -11.69 23.97
O2B ADP G . 7.66 -11.40 23.07
O3B ADP G . 6.06 -9.36 23.18
PA ADP G . 6.95 -9.19 26.11
O1A ADP G . 8.16 -9.15 27.01
O2A ADP G . 6.76 -7.97 25.24
O3A ADP G . 7.00 -10.49 25.23
O5' ADP G . 5.75 -9.49 27.12
C5' ADP G . 4.36 -9.44 26.66
C4' ADP G . 3.47 -8.52 27.50
O4' ADP G . 3.39 -9.03 28.86
C3' ADP G . 3.94 -7.08 27.69
O3' ADP G . 3.56 -6.34 26.51
C2' ADP G . 3.19 -6.69 28.97
O2' ADP G . 1.78 -6.55 28.78
C1' ADP G . 3.38 -7.97 29.81
N9 ADP G . 4.68 -7.95 30.54
C8 ADP G . 5.85 -8.51 30.13
N7 ADP G . 6.84 -8.40 31.04
C5 ADP G . 6.26 -7.71 32.07
C6 ADP G . 6.78 -7.31 33.33
N6 ADP G . 7.96 -7.55 33.78
N1 ADP G . 5.87 -6.65 34.11
C2 ADP G . 4.58 -6.40 33.71
N3 ADP G . 4.08 -6.75 32.54
C4 ADP G . 4.94 -7.42 31.76
S1 MPO H . 7.04 -18.79 -7.38
O1 MPO H . 7.47 -18.13 -6.15
O2 MPO H . 6.60 -17.76 -8.36
O4 MPO H . 1.20 -16.06 -4.00
N1 MPO H . 3.04 -18.04 -4.91
C1 MPO H . 5.63 -19.86 -7.02
O3 MPO H . 8.15 -19.59 -7.98
C2 MPO H . 4.39 -19.07 -6.72
C3 MPO H . 4.50 -18.43 -5.37
C4 MPO H . 2.42 -17.07 -5.89
C5 MPO H . 1.11 -16.54 -5.34
C6 MPO H . 1.76 -17.00 -3.06
C7 MPO H . 3.15 -17.43 -3.52
C1 EDO I . 9.88 6.20 -1.04
O1 EDO I . 8.99 7.26 -0.70
C2 EDO I . 11.08 6.00 -0.07
O2 EDO I . 10.70 5.94 1.26
C1 EDO J . -6.68 3.69 26.09
O1 EDO J . -6.61 3.97 27.46
C2 EDO J . -6.53 4.99 25.37
O2 EDO J . -6.65 6.03 26.32
C1 EDO K . 12.96 7.22 35.28
O1 EDO K . 13.68 6.04 35.63
C2 EDO K . 12.41 7.21 33.86
O2 EDO K . 13.05 6.27 33.02
C1 EDO L . 20.39 -24.65 -3.79
O1 EDO L . 21.51 -24.44 -4.64
C2 EDO L . 19.18 -23.95 -4.39
O2 EDO L . 18.10 -23.98 -3.49
C1 EDO M . 22.00 1.96 -3.05
O1 EDO M . 23.19 2.50 -3.69
C2 EDO M . 21.65 0.57 -3.61
O2 EDO M . 20.73 -0.17 -2.83
C1 EDO N . 14.23 -29.36 7.99
O1 EDO N . 14.08 -29.62 9.34
C2 EDO N . 15.61 -29.69 7.46
O2 EDO N . 16.55 -28.79 8.00
C1 EDO O . -18.18 2.23 17.65
O1 EDO O . -19.31 1.72 18.40
C2 EDO O . -18.52 2.58 16.17
O2 EDO O . -19.00 1.50 15.43
C1 EDO P . -9.28 -9.12 20.73
O1 EDO P . -9.68 -8.89 22.08
C2 EDO P . -10.46 -9.44 19.78
O2 EDO P . -11.26 -10.50 20.28
C1 EDO Q . -4.45 3.77 4.99
O1 EDO Q . -3.14 3.65 4.43
C2 EDO Q . -4.70 5.27 5.04
O2 EDO Q . -5.99 5.66 5.42
C1 EDO R . 24.95 -22.23 10.69
O1 EDO R . 25.85 -21.54 9.83
C2 EDO R . 24.05 -21.27 11.43
O2 EDO R . 23.23 -20.65 10.49
MG MG S . -8.27 13.11 -20.86
NA NA T . 4.91 -11.23 -8.59
CL CL U . -18.87 14.03 -1.21
CL CL V . 11.08 0.68 -11.60
PB ADP W . -7.17 11.98 -23.50
O1B ADP W . -5.86 12.22 -24.23
O2B ADP W . -7.69 10.58 -23.66
O3B ADP W . -7.16 12.39 -21.92
PA ADP W . -8.62 14.43 -23.75
O1A ADP W . -9.93 14.80 -24.44
O2A ADP W . -8.71 14.45 -22.22
O3A ADP W . -8.23 12.97 -24.20
O5' ADP W . -7.45 15.41 -24.32
C5' ADP W . -6.21 15.59 -23.58
C4' ADP W . -6.03 17.06 -23.19
O4' ADP W . -6.21 17.93 -24.34
C3' ADP W . -7.02 17.62 -22.18
O3' ADP W . -6.58 17.21 -20.87
C2' ADP W . -6.88 19.11 -22.43
O2' ADP W . -5.66 19.53 -21.82
C1' ADP W . -6.71 19.18 -23.94
N9 ADP W . -8.03 19.32 -24.54
C8 ADP W . -8.85 18.34 -25.01
N7 ADP W . -9.98 18.77 -25.59
C5 ADP W . -9.90 20.13 -25.44
C6 ADP W . -10.79 21.13 -25.87
N6 ADP W . -11.87 20.90 -26.51
N1 ADP W . -10.34 22.38 -25.52
C2 ADP W . -9.17 22.65 -24.87
N3 ADP W . -8.34 21.73 -24.47
C4 ADP W . -8.73 20.49 -24.78
C1 EDO X . -5.37 3.99 -0.04
O1 EDO X . -5.96 4.49 1.14
C2 EDO X . -4.06 3.23 0.17
O2 EDO X . -3.14 3.80 1.03
C1 EDO Y . -2.43 1.48 -15.15
O1 EDO Y . -3.11 0.35 -15.46
C2 EDO Y . -2.00 2.36 -16.35
O2 EDO Y . -1.08 3.41 -16.04
C1 EDO Z . 15.58 9.91 -26.10
O1 EDO Z . 15.13 8.61 -25.84
C2 EDO Z . 15.39 10.20 -27.57
O2 EDO Z . 15.35 11.61 -27.81
C1 EDO AA . -19.08 16.14 -41.92
O1 EDO AA . -18.88 17.49 -41.56
C2 EDO AA . -19.85 15.40 -40.84
O2 EDO AA . -19.28 14.11 -40.70
C1 EDO BA . -19.04 21.57 -2.65
O1 EDO BA . -20.36 21.79 -3.16
C2 EDO BA . -18.91 21.38 -1.13
O2 EDO BA . -20.14 21.46 -0.42
#